data_6SQK
#
_entry.id   6SQK
#
_cell.length_a   118.632
_cell.length_b   142.829
_cell.length_c   41.701
_cell.angle_alpha   90.000
_cell.angle_beta   90.000
_cell.angle_gamma   90.000
#
_symmetry.space_group_name_H-M   'P 21 21 2'
#
loop_
_entity.id
_entity.type
_entity.pdbx_description
1 polymer 'Protein arginine N-methyltransferase 6'
2 polymer H4-7
3 water water
#
loop_
_entity_poly.entity_id
_entity_poly.type
_entity_poly.pdbx_seq_one_letter_code
_entity_poly.pdbx_strand_id
1 'polypeptide(L)'
;GHMSLSKKRKLESGDSGGAGAGGEGAEEENGGEQEAAPPRPRRTKSERDQLYYECYSDVSVHEEMIADQVRTEAYRLGIL
KNWAALRGKTVLDVGAGTGILSIFCAQAGARRVYAVEASAIWQQAREVVRLNGLEDRVHVLPGPVETVELPERVDAIVSE
WMGYGLLHESMLSSVLHARTKWLKEGGLLLPASAELFVAPISDQMLEWRLGFWSQVKQHYGVDMSCMESFATRCLMGHSE
IVVQDLSGEDVLARPQRFAQLELARAGLEQELEAGVGGRFRCSCYGSAPLHGFAVWFQVTFPGGDSEKPLVLSTSPLHPA
THWKQALLYLNEPVPVEQDTDISGEITLLPSPDNPRRLRILLRYKVGDHEEKTKDFAMED
;
A,B
2 'polypeptide(L)' SG(LTE)GKGG D,E
#
loop_
_chem_comp.id
_chem_comp.type
_chem_comp.name
_chem_comp.formula
LTE non-polymer 1-[3-[(2~{R},3~{S},4~{R},5~{R})-5-(6-aminopurin-9-yl)-3,4-bis(oxidanyl)oxolan-2-yl]propyl]-3-[(4~{S})-4-azanyl-5-oxidanylidene-pentyl]guanidine 'C18 H29 N9 O5'
#
# COMPACT_ATOMS: atom_id res chain seq x y z
N THR A 44 -20.32 -14.47 1.16
CA THR A 44 -21.70 -14.10 0.87
C THR A 44 -21.75 -13.20 -0.36
N LYS A 45 -22.70 -13.44 -1.27
CA LYS A 45 -22.73 -12.71 -2.53
C LYS A 45 -23.27 -11.28 -2.38
N SER A 46 -24.39 -11.11 -1.67
CA SER A 46 -24.86 -9.77 -1.37
C SER A 46 -23.74 -8.92 -0.79
N GLU A 47 -22.96 -9.50 0.12
CA GLU A 47 -21.89 -8.73 0.73
C GLU A 47 -20.75 -8.58 -0.25
N ARG A 48 -20.32 -9.68 -0.87
CA ARG A 48 -19.14 -9.64 -1.73
C ARG A 48 -19.36 -8.70 -2.90
N ASP A 49 -20.46 -8.90 -3.63
CA ASP A 49 -20.70 -8.11 -4.84
C ASP A 49 -20.99 -6.67 -4.47
N GLN A 50 -21.81 -6.47 -3.44
CA GLN A 50 -22.07 -5.12 -2.93
C GLN A 50 -20.76 -4.44 -2.56
N LEU A 51 -19.91 -5.13 -1.81
CA LEU A 51 -18.65 -4.52 -1.38
C LEU A 51 -17.73 -4.26 -2.56
N TYR A 52 -17.73 -5.15 -3.55
CA TYR A 52 -16.96 -4.90 -4.77
C TYR A 52 -17.41 -3.62 -5.45
N TYR A 53 -18.72 -3.47 -5.66
CA TYR A 53 -19.22 -2.25 -6.30
C TYR A 53 -18.95 -1.03 -5.42
N GLU A 54 -19.04 -1.17 -4.10
CA GLU A 54 -18.75 -0.04 -3.22
C GLU A 54 -17.30 0.38 -3.30
N CYS A 55 -16.37 -0.54 -3.64
CA CYS A 55 -14.98 -0.13 -3.79
C CYS A 55 -14.80 0.81 -4.97
N TYR A 56 -15.65 0.70 -5.98
CA TYR A 56 -15.65 1.62 -7.10
C TYR A 56 -16.44 2.89 -6.83
N SER A 57 -17.03 3.04 -5.66
CA SER A 57 -17.73 4.27 -5.32
C SER A 57 -16.79 5.28 -4.72
N ASP A 58 -15.53 4.93 -4.54
CA ASP A 58 -14.52 5.82 -4.02
C ASP A 58 -13.66 6.39 -5.14
N VAL A 59 -13.18 7.60 -4.91
CA VAL A 59 -12.44 8.32 -5.94
C VAL A 59 -11.11 7.70 -6.30
N SER A 60 -10.39 7.10 -5.34
CA SER A 60 -8.99 6.77 -5.59
C SER A 60 -8.79 5.77 -6.75
N VAL A 61 -9.68 4.78 -6.90
CA VAL A 61 -9.52 3.79 -7.97
C VAL A 61 -9.73 4.46 -9.32
N HIS A 62 -10.72 5.37 -9.43
CA HIS A 62 -10.96 6.05 -10.69
C HIS A 62 -9.83 7.00 -11.03
N GLU A 63 -9.29 7.67 -10.01
CA GLU A 63 -8.09 8.48 -10.21
C GLU A 63 -6.97 7.64 -10.81
N GLU A 64 -6.72 6.46 -10.22
CA GLU A 64 -5.64 5.60 -10.70
C GLU A 64 -5.88 5.14 -12.14
N MET A 65 -7.11 4.74 -12.46
CA MET A 65 -7.40 4.29 -13.81
C MET A 65 -7.29 5.42 -14.83
N ILE A 66 -7.84 6.59 -14.49
CA ILE A 66 -7.83 7.70 -15.44
C ILE A 66 -6.47 8.37 -15.51
N ALA A 67 -5.68 8.29 -14.44
CA ALA A 67 -4.31 8.79 -14.50
C ALA A 67 -3.38 7.89 -15.30
N ASP A 68 -3.81 6.65 -15.56
CA ASP A 68 -3.08 5.72 -16.41
C ASP A 68 -3.32 6.15 -17.85
N GLN A 69 -2.36 6.90 -18.39
CA GLN A 69 -2.51 7.44 -19.72
C GLN A 69 -2.35 6.37 -20.79
N VAL A 70 -1.56 5.33 -20.52
CA VAL A 70 -1.42 4.25 -21.49
C VAL A 70 -2.78 3.59 -21.71
N ARG A 71 -3.42 3.20 -20.62
CA ARG A 71 -4.74 2.58 -20.69
C ARG A 71 -5.76 3.52 -21.31
N THR A 72 -5.84 4.73 -20.79
CA THR A 72 -6.98 5.59 -21.14
C THR A 72 -6.85 6.09 -22.57
N GLU A 73 -5.64 6.43 -22.99
CA GLU A 73 -5.45 6.81 -24.38
C GLU A 73 -5.62 5.63 -25.33
N ALA A 74 -5.26 4.42 -24.92
CA ALA A 74 -5.47 3.28 -25.79
C ALA A 74 -6.95 3.09 -26.09
N TYR A 75 -7.79 3.19 -25.06
CA TYR A 75 -9.23 3.16 -25.29
C TYR A 75 -9.68 4.32 -26.18
N ARG A 76 -9.19 5.54 -25.92
CA ARG A 76 -9.67 6.66 -26.73
C ARG A 76 -9.35 6.42 -28.19
N LEU A 77 -8.12 5.97 -28.47
CA LEU A 77 -7.70 5.78 -29.85
C LEU A 77 -8.32 4.52 -30.45
N GLY A 78 -8.50 3.48 -29.65
CA GLY A 78 -9.13 2.27 -30.14
C GLY A 78 -10.58 2.50 -30.51
N ILE A 79 -11.26 3.35 -29.74
CA ILE A 79 -12.62 3.75 -30.09
C ILE A 79 -12.60 4.57 -31.37
N LEU A 80 -11.74 5.59 -31.43
CA LEU A 80 -11.66 6.42 -32.62
C LEU A 80 -11.29 5.61 -33.87
N LYS A 81 -10.43 4.60 -33.75
CA LYS A 81 -10.07 3.78 -34.91
C LYS A 81 -11.31 3.14 -35.52
N ASN A 82 -12.36 2.95 -34.73
CA ASN A 82 -13.58 2.31 -35.17
C ASN A 82 -14.70 3.32 -35.43
N TRP A 83 -14.34 4.56 -35.79
CA TRP A 83 -15.32 5.58 -36.10
C TRP A 83 -16.35 5.12 -37.14
N ALA A 84 -15.92 4.33 -38.13
CA ALA A 84 -16.86 4.02 -39.22
C ALA A 84 -17.98 3.10 -38.74
N ALA A 85 -17.68 2.19 -37.82
CA ALA A 85 -18.68 1.31 -37.25
C ALA A 85 -19.50 1.99 -36.16
N LEU A 86 -19.00 3.08 -35.59
CA LEU A 86 -19.66 3.72 -34.47
C LEU A 86 -20.48 4.92 -34.89
N ARG A 87 -20.14 5.59 -35.97
CA ARG A 87 -20.77 6.88 -36.20
C ARG A 87 -22.23 6.69 -36.60
N GLY A 88 -23.10 7.40 -35.90
CA GLY A 88 -24.53 7.29 -36.03
C GLY A 88 -25.13 6.03 -35.46
N LYS A 89 -24.35 5.24 -34.71
CA LYS A 89 -24.74 3.92 -34.20
C LYS A 89 -24.88 3.96 -32.67
N THR A 90 -25.23 2.83 -32.09
CA THR A 90 -25.51 2.72 -30.67
C THR A 90 -24.48 1.84 -29.97
N VAL A 91 -24.18 2.19 -28.72
CA VAL A 91 -23.13 1.56 -27.95
C VAL A 91 -23.64 1.26 -26.55
N LEU A 92 -23.23 0.11 -26.02
CA LEU A 92 -23.33 -0.23 -24.60
C LEU A 92 -21.92 -0.20 -23.98
N ASP A 93 -21.73 0.64 -22.95
CA ASP A 93 -20.49 0.69 -22.15
C ASP A 93 -20.74 -0.10 -20.88
N VAL A 94 -20.09 -1.26 -20.77
CA VAL A 94 -20.32 -2.17 -19.64
C VAL A 94 -19.36 -1.78 -18.52
N GLY A 95 -19.89 -1.24 -17.43
CA GLY A 95 -19.07 -0.81 -16.32
C GLY A 95 -18.51 0.56 -16.58
N ALA A 96 -19.40 1.55 -16.76
CA ALA A 96 -18.97 2.82 -17.31
C ALA A 96 -18.19 3.69 -16.34
N GLY A 97 -18.23 3.42 -15.03
CA GLY A 97 -17.41 4.17 -14.08
C GLY A 97 -17.84 5.60 -14.07
N THR A 98 -16.87 6.48 -14.31
CA THR A 98 -17.14 7.92 -14.34
C THR A 98 -17.70 8.37 -15.67
N GLY A 99 -17.82 7.47 -16.65
CA GLY A 99 -18.42 7.75 -17.94
C GLY A 99 -17.45 8.09 -19.03
N ILE A 100 -16.15 8.12 -18.74
CA ILE A 100 -15.19 8.62 -19.71
C ILE A 100 -15.21 7.85 -21.04
N LEU A 101 -15.29 6.52 -21.00
CA LEU A 101 -15.26 5.78 -22.26
C LEU A 101 -16.51 6.02 -23.10
N SER A 102 -17.65 6.16 -22.43
CA SER A 102 -18.90 6.45 -23.11
C SER A 102 -18.81 7.79 -23.81
N ILE A 103 -18.20 8.78 -23.14
CA ILE A 103 -17.94 10.06 -23.77
C ILE A 103 -17.03 9.92 -24.97
N PHE A 104 -15.95 9.15 -24.86
CA PHE A 104 -15.11 8.92 -26.05
C PHE A 104 -15.96 8.40 -27.23
N CYS A 105 -16.90 7.48 -26.96
CA CYS A 105 -17.73 6.92 -28.03
C CYS A 105 -18.61 7.98 -28.65
N ALA A 106 -19.19 8.87 -27.83
CA ALA A 106 -19.96 9.96 -28.39
C ALA A 106 -19.09 10.90 -29.21
N GLN A 107 -17.88 11.16 -28.75
CA GLN A 107 -16.99 12.07 -29.49
C GLN A 107 -16.57 11.44 -30.81
N ALA A 108 -16.57 10.11 -30.90
CA ALA A 108 -16.30 9.39 -32.14
C ALA A 108 -17.52 9.34 -33.06
N GLY A 109 -18.66 9.85 -32.61
CA GLY A 109 -19.85 10.00 -33.42
C GLY A 109 -21.01 9.08 -33.09
N ALA A 110 -20.94 8.31 -32.00
CA ALA A 110 -22.06 7.45 -31.66
C ALA A 110 -23.33 8.27 -31.43
N ARG A 111 -24.47 7.73 -31.87
CA ARG A 111 -25.77 8.37 -31.73
C ARG A 111 -26.33 8.23 -30.32
N ARG A 112 -26.20 7.06 -29.72
CA ARG A 112 -26.76 6.78 -28.42
C ARG A 112 -25.76 5.88 -27.73
N VAL A 113 -25.44 6.19 -26.47
CA VAL A 113 -24.57 5.35 -25.67
C VAL A 113 -25.29 5.06 -24.36
N TYR A 114 -25.36 3.80 -24.01
CA TYR A 114 -25.92 3.37 -22.73
C TYR A 114 -24.75 3.03 -21.83
N ALA A 115 -24.58 3.83 -20.79
CA ALA A 115 -23.42 3.76 -19.89
C ALA A 115 -23.87 3.10 -18.60
N VAL A 116 -23.64 1.80 -18.48
CA VAL A 116 -24.22 1.02 -17.39
C VAL A 116 -23.18 0.85 -16.30
N GLU A 117 -23.54 1.18 -15.08
CA GLU A 117 -22.58 1.16 -13.98
C GLU A 117 -23.30 0.75 -12.71
N ALA A 118 -22.79 -0.32 -12.07
CA ALA A 118 -23.44 -0.87 -10.89
C ALA A 118 -23.04 -0.22 -9.57
N SER A 119 -21.94 0.50 -9.52
CA SER A 119 -21.58 1.19 -8.29
C SER A 119 -22.18 2.59 -8.23
N ALA A 120 -22.20 3.16 -7.03
CA ALA A 120 -22.75 4.49 -6.80
C ALA A 120 -22.03 5.56 -7.59
N ILE A 121 -20.85 5.27 -8.12
CA ILE A 121 -20.16 6.20 -8.99
C ILE A 121 -21.00 6.58 -10.20
N TRP A 122 -22.04 5.82 -10.54
CA TRP A 122 -22.91 6.23 -11.66
C TRP A 122 -23.42 7.66 -11.46
N GLN A 123 -23.59 8.09 -10.21
CA GLN A 123 -24.12 9.45 -10.00
C GLN A 123 -23.09 10.50 -10.42
N GLN A 124 -21.80 10.24 -10.18
CA GLN A 124 -20.75 11.12 -10.69
C GLN A 124 -20.70 11.08 -12.22
N ALA A 125 -20.84 9.89 -12.81
CA ALA A 125 -20.85 9.80 -14.28
C ALA A 125 -21.97 10.65 -14.86
N ARG A 126 -23.10 10.66 -14.20
CA ARG A 126 -24.27 11.42 -14.70
C ARG A 126 -23.88 12.89 -14.78
N GLU A 127 -23.18 13.38 -13.78
CA GLU A 127 -22.78 14.79 -13.77
C GLU A 127 -21.67 15.05 -14.79
N VAL A 128 -20.72 14.13 -14.93
CA VAL A 128 -19.67 14.30 -15.96
C VAL A 128 -20.29 14.38 -17.34
N VAL A 129 -21.25 13.50 -17.62
CA VAL A 129 -21.88 13.48 -18.94
C VAL A 129 -22.60 14.80 -19.20
N ARG A 130 -23.36 15.28 -18.22
CA ARG A 130 -24.03 16.57 -18.37
C ARG A 130 -23.03 17.72 -18.52
N LEU A 131 -21.93 17.66 -17.78
CA LEU A 131 -20.92 18.72 -17.84
C LEU A 131 -20.35 18.84 -19.23
N ASN A 132 -20.31 17.73 -19.96
CA ASN A 132 -19.76 17.72 -21.30
C ASN A 132 -20.83 17.87 -22.38
N GLY A 133 -22.07 18.21 -22.00
CA GLY A 133 -23.10 18.45 -23.00
C GLY A 133 -23.60 17.21 -23.72
N LEU A 134 -23.57 16.05 -23.04
CA LEU A 134 -23.82 14.78 -23.69
C LEU A 134 -25.00 14.00 -23.13
N GLU A 135 -25.78 14.57 -22.22
CA GLU A 135 -26.83 13.80 -21.57
C GLU A 135 -28.00 13.46 -22.49
N ASP A 136 -28.12 14.15 -23.62
CA ASP A 136 -29.20 13.79 -24.54
C ASP A 136 -28.87 12.53 -25.32
N ARG A 137 -27.58 12.17 -25.41
CA ARG A 137 -27.10 11.04 -26.19
C ARG A 137 -26.51 9.93 -25.34
N VAL A 138 -25.84 10.26 -24.26
CA VAL A 138 -25.20 9.29 -23.38
C VAL A 138 -26.06 9.17 -22.15
N HIS A 139 -26.59 7.97 -21.92
CA HIS A 139 -27.55 7.72 -20.88
C HIS A 139 -26.90 6.85 -19.82
N VAL A 140 -26.60 7.44 -18.68
CA VAL A 140 -26.02 6.70 -17.57
C VAL A 140 -27.13 5.91 -16.88
N LEU A 141 -26.97 4.59 -16.82
CA LEU A 141 -27.97 3.69 -16.27
C LEU A 141 -27.39 3.02 -15.05
N PRO A 142 -28.00 3.17 -13.89
CA PRO A 142 -27.51 2.47 -12.70
C PRO A 142 -27.79 0.97 -12.76
N GLY A 143 -26.92 0.22 -12.07
CA GLY A 143 -27.20 -1.16 -11.75
C GLY A 143 -26.33 -2.12 -12.52
N PRO A 144 -26.44 -3.39 -12.21
CA PRO A 144 -25.67 -4.40 -12.95
C PRO A 144 -26.13 -4.56 -14.39
N VAL A 145 -25.16 -4.76 -15.28
CA VAL A 145 -25.50 -5.00 -16.67
C VAL A 145 -26.35 -6.24 -16.86
N GLU A 146 -26.23 -7.20 -15.94
CA GLU A 146 -26.96 -8.44 -16.06
C GLU A 146 -28.45 -8.23 -15.99
N THR A 147 -28.92 -7.13 -15.36
CA THR A 147 -30.36 -6.89 -15.27
C THR A 147 -30.85 -5.60 -15.94
N VAL A 148 -29.96 -4.84 -16.58
CA VAL A 148 -30.39 -3.62 -17.25
C VAL A 148 -31.34 -4.01 -18.36
N GLU A 149 -32.29 -3.12 -18.69
CA GLU A 149 -33.12 -3.33 -19.86
C GLU A 149 -32.96 -2.14 -20.80
N LEU A 150 -32.26 -2.35 -21.89
CA LEU A 150 -32.08 -1.33 -22.89
C LEU A 150 -33.30 -1.31 -23.79
N PRO A 151 -33.55 -0.19 -24.45
CA PRO A 151 -34.70 -0.14 -25.37
C PRO A 151 -34.43 -0.77 -26.72
N GLU A 152 -33.24 -1.33 -26.95
CA GLU A 152 -32.81 -1.81 -28.26
C GLU A 152 -31.54 -2.60 -28.05
N ARG A 153 -31.29 -3.56 -28.95
CA ARG A 153 -29.93 -4.12 -29.05
C ARG A 153 -29.01 -3.04 -29.63
N VAL A 154 -27.71 -3.22 -29.43
CA VAL A 154 -26.73 -2.20 -29.77
C VAL A 154 -25.77 -2.68 -30.85
N ASP A 155 -25.14 -1.71 -31.52
CA ASP A 155 -24.18 -1.98 -32.58
C ASP A 155 -22.80 -2.31 -32.07
N ALA A 156 -22.49 -1.90 -30.84
CA ALA A 156 -21.15 -2.06 -30.28
C ALA A 156 -21.22 -2.11 -28.76
N ILE A 157 -20.28 -2.85 -28.16
CA ILE A 157 -19.99 -2.83 -26.75
C ILE A 157 -18.56 -2.36 -26.57
N VAL A 158 -18.36 -1.46 -25.64
CA VAL A 158 -17.05 -1.10 -25.11
C VAL A 158 -17.00 -1.44 -23.64
N SER A 159 -15.86 -1.92 -23.17
CA SER A 159 -15.74 -2.17 -21.75
C SER A 159 -14.28 -2.24 -21.37
N GLU A 160 -13.96 -1.62 -20.24
CA GLU A 160 -12.68 -1.85 -19.56
C GLU A 160 -12.99 -2.70 -18.32
N TRP A 161 -12.79 -4.00 -18.47
CA TRP A 161 -13.18 -5.02 -17.52
C TRP A 161 -11.99 -5.75 -16.93
N MET A 162 -10.77 -5.38 -17.30
CA MET A 162 -9.60 -6.18 -16.97
C MET A 162 -9.11 -5.82 -15.57
N GLY A 163 -8.82 -6.85 -14.76
CA GLY A 163 -8.23 -6.67 -13.47
C GLY A 163 -6.77 -7.08 -13.47
N TYR A 164 -6.17 -7.04 -12.28
CA TYR A 164 -4.82 -7.57 -12.13
C TYR A 164 -4.78 -9.00 -12.65
N GLY A 165 -3.68 -9.36 -13.29
CA GLY A 165 -3.58 -10.69 -13.88
C GLY A 165 -4.67 -10.97 -14.88
N LEU A 166 -5.18 -9.92 -15.52
CA LEU A 166 -6.29 -9.93 -16.45
C LEU A 166 -7.64 -10.24 -15.80
N LEU A 167 -7.75 -11.35 -15.07
CA LEU A 167 -9.05 -11.88 -14.70
C LEU A 167 -9.41 -11.67 -13.24
N HIS A 168 -8.54 -11.08 -12.44
CA HIS A 168 -8.96 -10.66 -11.11
C HIS A 168 -10.17 -9.75 -11.25
N GLU A 169 -11.10 -9.89 -10.31
CA GLU A 169 -12.42 -9.27 -10.26
C GLU A 169 -13.48 -10.05 -11.03
N SER A 170 -13.08 -10.89 -11.99
CA SER A 170 -14.00 -11.78 -12.68
C SER A 170 -15.11 -11.02 -13.38
N MET A 171 -14.79 -9.84 -13.92
CA MET A 171 -15.79 -9.06 -14.64
C MET A 171 -16.08 -9.57 -16.04
N LEU A 172 -15.20 -10.37 -16.64
CA LEU A 172 -15.38 -10.70 -18.05
C LEU A 172 -16.73 -11.37 -18.30
N SER A 173 -17.17 -12.24 -17.41
CA SER A 173 -18.46 -12.90 -17.58
C SER A 173 -19.60 -11.90 -17.77
N SER A 174 -19.56 -10.76 -17.07
CA SER A 174 -20.57 -9.72 -17.23
C SER A 174 -20.57 -9.16 -18.64
N VAL A 175 -19.39 -8.94 -19.21
CA VAL A 175 -19.30 -8.46 -20.59
C VAL A 175 -19.85 -9.51 -21.55
N LEU A 176 -19.50 -10.78 -21.34
CA LEU A 176 -19.98 -11.83 -22.23
C LEU A 176 -21.50 -11.98 -22.14
N HIS A 177 -22.05 -11.85 -20.95
CA HIS A 177 -23.51 -11.89 -20.72
C HIS A 177 -24.17 -10.74 -21.51
N ALA A 178 -23.58 -9.56 -21.44
CA ALA A 178 -24.10 -8.40 -22.14
C ALA A 178 -24.00 -8.56 -23.65
N ARG A 179 -22.92 -9.18 -24.13
CA ARG A 179 -22.78 -9.43 -25.56
C ARG A 179 -23.90 -10.33 -26.06
N THR A 180 -24.10 -11.46 -25.39
CA THR A 180 -25.14 -12.40 -25.81
C THR A 180 -26.51 -11.74 -25.79
N LYS A 181 -26.82 -10.96 -24.75
CA LYS A 181 -28.15 -10.40 -24.58
C LYS A 181 -28.39 -9.17 -25.46
N TRP A 182 -27.38 -8.32 -25.64
CA TRP A 182 -27.60 -6.99 -26.20
C TRP A 182 -26.89 -6.67 -27.52
N LEU A 183 -25.81 -7.35 -27.86
CA LEU A 183 -25.10 -7.01 -29.07
C LEU A 183 -25.76 -7.60 -30.31
N LYS A 184 -25.99 -6.76 -31.32
CA LYS A 184 -26.51 -7.26 -32.59
C LYS A 184 -25.54 -8.24 -33.21
N GLU A 185 -26.07 -9.16 -34.04
CA GLU A 185 -25.19 -10.07 -34.75
C GLU A 185 -24.24 -9.26 -35.61
N GLY A 186 -22.96 -9.60 -35.51
CA GLY A 186 -21.93 -8.92 -36.25
C GLY A 186 -21.52 -7.60 -35.64
N GLY A 187 -22.02 -7.28 -34.44
CA GLY A 187 -21.64 -6.05 -33.78
C GLY A 187 -20.20 -6.07 -33.29
N LEU A 188 -19.76 -4.90 -32.88
CA LEU A 188 -18.38 -4.63 -32.54
C LEU A 188 -18.16 -4.80 -31.05
N LEU A 189 -17.05 -5.43 -30.68
CA LEU A 189 -16.60 -5.51 -29.30
C LEU A 189 -15.26 -4.79 -29.15
N LEU A 190 -15.16 -3.89 -28.18
CA LEU A 190 -13.98 -3.09 -27.94
C LEU A 190 -13.51 -3.20 -26.50
N PRO A 191 -12.34 -3.78 -26.22
CA PRO A 191 -11.54 -4.55 -27.17
C PRO A 191 -12.20 -5.88 -27.55
N ALA A 192 -11.64 -6.54 -28.55
CA ALA A 192 -12.21 -7.75 -29.13
C ALA A 192 -11.59 -9.02 -28.57
N SER A 193 -10.41 -8.94 -28.00
CA SER A 193 -9.71 -10.13 -27.56
C SER A 193 -8.68 -9.71 -26.50
N ALA A 194 -8.26 -10.70 -25.72
CA ALA A 194 -7.18 -10.56 -24.76
C ALA A 194 -6.23 -11.73 -24.93
N GLU A 195 -4.95 -11.50 -24.61
CA GLU A 195 -3.93 -12.54 -24.65
C GLU A 195 -3.12 -12.47 -23.36
N LEU A 196 -2.74 -13.62 -22.84
CA LEU A 196 -1.97 -13.74 -21.62
C LEU A 196 -0.56 -14.19 -21.96
N PHE A 197 0.41 -13.56 -21.30
CA PHE A 197 1.84 -13.81 -21.54
C PHE A 197 2.51 -14.18 -20.24
N VAL A 198 3.58 -14.99 -20.35
CA VAL A 198 4.41 -15.31 -19.22
C VAL A 198 5.88 -15.17 -19.59
N ALA A 199 6.70 -14.81 -18.61
CA ALA A 199 8.14 -14.95 -18.76
C ALA A 199 8.74 -15.27 -17.40
N PRO A 200 9.81 -16.05 -17.36
CA PRO A 200 10.54 -16.20 -16.10
C PRO A 200 11.23 -14.90 -15.79
N ILE A 201 11.43 -14.63 -14.49
CA ILE A 201 12.01 -13.36 -14.06
C ILE A 201 13.07 -13.54 -13.01
N SER A 202 14.00 -12.58 -12.99
CA SER A 202 14.96 -12.37 -11.90
C SER A 202 14.68 -10.93 -11.47
N ASP A 203 13.92 -10.79 -10.39
CA ASP A 203 13.36 -9.52 -9.93
C ASP A 203 14.47 -8.76 -9.22
N GLN A 204 14.95 -7.69 -9.84
CA GLN A 204 16.12 -6.98 -9.31
C GLN A 204 15.82 -6.31 -7.98
N MET A 205 14.61 -5.78 -7.81
CA MET A 205 14.22 -5.22 -6.53
C MET A 205 14.18 -6.29 -5.43
N LEU A 206 13.58 -7.45 -5.73
CA LEU A 206 13.58 -8.54 -4.75
C LEU A 206 15.01 -8.94 -4.40
N GLU A 207 15.88 -9.04 -5.40
CA GLU A 207 17.26 -9.40 -5.12
C GLU A 207 17.90 -8.40 -4.17
N TRP A 208 17.63 -7.11 -4.38
CA TRP A 208 18.19 -6.11 -3.50
C TRP A 208 17.60 -6.22 -2.09
N ARG A 209 16.29 -6.45 -1.98
CA ARG A 209 15.71 -6.62 -0.65
C ARG A 209 16.27 -7.83 0.08
N LEU A 210 16.50 -8.93 -0.63
CA LEU A 210 17.06 -10.11 0.03
C LEU A 210 18.53 -9.87 0.39
N GLY A 211 19.26 -9.17 -0.47
CA GLY A 211 20.64 -8.86 -0.18
C GLY A 211 20.89 -7.79 0.86
N PHE A 212 19.83 -7.09 1.28
CA PHE A 212 19.94 -6.01 2.25
C PHE A 212 20.63 -6.47 3.51
N TRP A 213 20.29 -7.66 3.98
CA TRP A 213 20.75 -8.15 5.27
C TRP A 213 22.26 -8.33 5.29
N SER A 214 22.84 -8.69 4.15
CA SER A 214 24.30 -8.84 4.05
C SER A 214 25.02 -7.51 3.93
N GLN A 215 24.29 -6.42 3.71
CA GLN A 215 24.85 -5.08 3.66
C GLN A 215 24.82 -4.35 5.01
N VAL A 216 24.08 -4.86 5.98
CA VAL A 216 23.92 -4.14 7.24
C VAL A 216 25.27 -3.93 7.91
N LYS A 217 26.16 -4.91 7.81
CA LYS A 217 27.42 -4.79 8.55
C LYS A 217 28.24 -3.59 8.06
N GLN A 218 28.26 -3.35 6.75
CA GLN A 218 29.02 -2.21 6.25
C GLN A 218 28.41 -0.87 6.69
N HIS A 219 27.12 -0.85 6.99
CA HIS A 219 26.44 0.39 7.33
C HIS A 219 26.47 0.68 8.82
N TYR A 220 26.32 -0.36 9.64
CA TYR A 220 26.11 -0.16 11.05
C TYR A 220 26.98 -1.01 11.95
N GLY A 221 27.81 -1.89 11.39
CA GLY A 221 28.74 -2.64 12.21
C GLY A 221 28.16 -3.84 12.89
N VAL A 222 27.05 -4.37 12.40
CA VAL A 222 26.39 -5.57 12.94
C VAL A 222 26.15 -6.52 11.77
N ASP A 223 26.65 -7.74 11.88
CA ASP A 223 26.45 -8.72 10.83
C ASP A 223 25.04 -9.29 10.94
N MET A 224 24.25 -9.13 9.88
CA MET A 224 22.90 -9.69 9.83
C MET A 224 22.72 -10.59 8.61
N SER A 225 23.81 -11.11 8.06
CA SER A 225 23.71 -11.92 6.85
C SER A 225 22.87 -13.18 7.08
N CYS A 226 22.82 -13.67 8.31
CA CYS A 226 22.00 -14.82 8.63
C CYS A 226 20.49 -14.57 8.47
N MET A 227 20.05 -13.33 8.33
CA MET A 227 18.65 -13.03 8.10
C MET A 227 18.20 -13.41 6.69
N GLU A 228 19.13 -13.71 5.78
CA GLU A 228 18.73 -13.83 4.38
C GLU A 228 17.72 -14.96 4.17
N SER A 229 17.94 -16.12 4.81
CA SER A 229 17.03 -17.24 4.60
C SER A 229 15.64 -16.90 5.11
N PHE A 230 15.56 -16.28 6.30
CA PHE A 230 14.29 -15.80 6.84
C PHE A 230 13.63 -14.83 5.88
N ALA A 231 14.40 -13.86 5.36
CA ALA A 231 13.80 -12.90 4.44
C ALA A 231 13.25 -13.58 3.20
N THR A 232 13.96 -14.61 2.72
CA THR A 232 13.51 -15.34 1.55
C THR A 232 12.19 -16.06 1.83
N ARG A 233 12.07 -16.70 2.99
CA ARG A 233 10.82 -17.37 3.31
C ARG A 233 9.66 -16.39 3.36
N CYS A 234 9.87 -15.22 3.98
CA CYS A 234 8.79 -14.25 4.07
C CYS A 234 8.42 -13.65 2.73
N LEU A 235 9.40 -13.28 1.92
CA LEU A 235 9.10 -12.57 0.69
C LEU A 235 8.76 -13.48 -0.48
N MET A 236 9.22 -14.74 -0.45
CA MET A 236 9.00 -15.67 -1.56
C MET A 236 8.16 -16.88 -1.17
N GLY A 237 8.12 -17.25 0.11
CA GLY A 237 7.51 -18.50 0.53
C GLY A 237 6.00 -18.47 0.71
N HIS A 238 5.41 -17.29 0.68
CA HIS A 238 3.97 -17.14 0.73
C HIS A 238 3.35 -17.56 -0.60
N SER A 239 2.03 -17.58 -0.64
CA SER A 239 1.27 -18.04 -1.81
C SER A 239 0.33 -16.97 -2.36
N GLU A 240 0.78 -15.73 -2.36
CA GLU A 240 -0.02 -14.63 -2.89
C GLU A 240 0.53 -14.20 -4.23
N ILE A 241 -0.37 -13.82 -5.12
CA ILE A 241 0.04 -13.16 -6.35
C ILE A 241 0.42 -11.74 -5.98
N VAL A 242 1.60 -11.31 -6.41
CA VAL A 242 2.16 -10.00 -6.09
C VAL A 242 2.07 -9.10 -7.30
N VAL A 243 1.43 -7.94 -7.15
CA VAL A 243 1.30 -6.98 -8.23
C VAL A 243 2.44 -5.98 -8.11
N GLN A 244 3.34 -5.99 -9.08
CA GLN A 244 4.52 -5.12 -9.03
C GLN A 244 4.99 -4.85 -10.44
N ASP A 245 5.62 -3.69 -10.64
CA ASP A 245 6.14 -3.28 -11.94
C ASP A 245 7.55 -3.82 -12.12
N LEU A 246 7.79 -4.52 -13.22
CA LEU A 246 9.09 -4.98 -13.65
C LEU A 246 9.55 -4.21 -14.89
N SER A 247 10.79 -4.45 -15.30
CA SER A 247 11.29 -3.90 -16.56
C SER A 247 11.98 -5.01 -17.34
N GLY A 248 12.46 -4.68 -18.54
CA GLY A 248 13.21 -5.66 -19.31
C GLY A 248 14.39 -6.25 -18.56
N GLU A 249 14.93 -5.51 -17.61
CA GLU A 249 16.09 -6.00 -16.87
C GLU A 249 15.73 -7.19 -15.98
N ASP A 250 14.44 -7.40 -15.73
CA ASP A 250 14.00 -8.52 -14.92
C ASP A 250 13.62 -9.75 -15.75
N VAL A 251 13.54 -9.64 -17.07
CA VAL A 251 12.97 -10.70 -17.91
C VAL A 251 14.08 -11.65 -18.31
N LEU A 252 13.91 -12.94 -18.00
CA LEU A 252 14.99 -13.91 -18.16
C LEU A 252 14.89 -14.80 -19.39
N ALA A 253 13.80 -14.74 -20.14
CA ALA A 253 13.68 -15.50 -21.37
C ALA A 253 12.63 -14.79 -22.21
N ARG A 254 12.60 -15.12 -23.48
CA ARG A 254 11.63 -14.49 -24.38
C ARG A 254 10.21 -14.74 -23.85
N PRO A 255 9.40 -13.69 -23.70
CA PRO A 255 8.00 -13.90 -23.29
C PRO A 255 7.23 -14.76 -24.28
N GLN A 256 6.25 -15.47 -23.76
CA GLN A 256 5.42 -16.35 -24.57
C GLN A 256 3.96 -16.16 -24.21
N ARG A 257 3.10 -16.13 -25.24
CA ARG A 257 1.66 -16.17 -25.03
C ARG A 257 1.30 -17.57 -24.58
N PHE A 258 0.55 -17.68 -23.49
CA PHE A 258 0.11 -18.98 -23.02
C PHE A 258 -1.40 -19.17 -23.04
N ALA A 259 -2.16 -18.14 -23.43
CA ALA A 259 -3.60 -18.31 -23.61
C ALA A 259 -4.13 -17.11 -24.37
N GLN A 260 -5.31 -17.29 -24.95
CA GLN A 260 -5.98 -16.18 -25.59
C GLN A 260 -7.47 -16.31 -25.39
N LEU A 261 -8.11 -15.15 -25.33
CA LEU A 261 -9.53 -15.03 -25.05
C LEU A 261 -10.12 -14.17 -26.16
N GLU A 262 -10.81 -14.82 -27.09
CA GLU A 262 -11.54 -14.14 -28.15
C GLU A 262 -12.96 -13.94 -27.67
N LEU A 263 -13.35 -12.68 -27.41
CA LEU A 263 -14.60 -12.41 -26.71
C LEU A 263 -15.84 -12.79 -27.50
N ALA A 264 -15.75 -12.88 -28.81
CA ALA A 264 -16.93 -13.29 -29.57
C ALA A 264 -17.21 -14.78 -29.44
N ARG A 265 -16.30 -15.57 -28.85
CA ARG A 265 -16.44 -17.03 -28.86
C ARG A 265 -17.50 -17.49 -27.86
N ALA A 266 -18.40 -18.37 -28.32
CA ALA A 266 -19.51 -18.80 -27.48
C ALA A 266 -19.02 -19.62 -26.29
N GLY A 267 -18.00 -20.44 -26.49
CA GLY A 267 -17.50 -21.29 -25.44
C GLY A 267 -16.68 -20.62 -24.35
N LEU A 268 -16.49 -19.30 -24.43
CA LEU A 268 -15.51 -18.68 -23.54
C LEU A 268 -16.00 -18.66 -22.10
N GLU A 269 -17.29 -18.40 -21.88
CA GLU A 269 -17.81 -18.38 -20.51
C GLU A 269 -17.43 -19.65 -19.75
N GLN A 270 -17.62 -20.82 -20.36
CA GLN A 270 -17.36 -22.06 -19.63
C GLN A 270 -15.87 -22.31 -19.48
N GLU A 271 -15.05 -21.82 -20.40
CA GLU A 271 -13.61 -21.89 -20.19
C GLU A 271 -13.21 -21.11 -18.94
N LEU A 272 -13.83 -19.93 -18.72
CA LEU A 272 -13.52 -19.16 -17.53
C LEU A 272 -13.76 -19.97 -16.27
N GLU A 273 -14.86 -20.71 -16.24
CA GLU A 273 -15.21 -21.53 -15.08
C GLU A 273 -14.23 -22.67 -14.90
N ALA A 274 -13.84 -23.34 -15.99
CA ALA A 274 -12.91 -24.46 -15.92
C ALA A 274 -11.46 -24.03 -15.72
N GLY A 275 -11.12 -22.79 -16.06
CA GLY A 275 -9.74 -22.31 -15.95
C GLY A 275 -9.20 -21.92 -17.32
N VAL A 276 -8.58 -20.75 -17.37
CA VAL A 276 -7.96 -20.21 -18.58
C VAL A 276 -6.46 -20.33 -18.40
N GLY A 277 -5.76 -20.75 -19.43
CA GLY A 277 -4.31 -20.82 -19.34
C GLY A 277 -3.73 -21.82 -20.31
N GLY A 278 -2.53 -22.29 -19.98
CA GLY A 278 -1.87 -23.21 -20.88
C GLY A 278 -0.45 -23.50 -20.43
N ARG A 279 0.16 -24.41 -21.19
CA ARG A 279 1.53 -24.79 -20.99
C ARG A 279 2.44 -23.73 -21.63
N PHE A 280 3.69 -23.67 -21.15
CA PHE A 280 4.69 -22.79 -21.71
C PHE A 280 6.05 -23.47 -21.64
N ARG A 281 6.95 -23.06 -22.54
CA ARG A 281 8.35 -23.51 -22.47
C ARG A 281 9.27 -22.44 -23.03
N CYS A 282 10.36 -22.16 -22.32
CA CYS A 282 11.31 -21.14 -22.74
C CYS A 282 12.73 -21.57 -22.37
N SER A 283 13.70 -20.82 -22.88
CA SER A 283 15.13 -21.06 -22.64
C SER A 283 15.75 -19.75 -22.18
N CYS A 284 16.50 -19.80 -21.09
CA CYS A 284 16.95 -18.58 -20.43
C CYS A 284 18.04 -17.86 -21.24
N TYR A 285 18.00 -16.53 -21.15
CA TYR A 285 18.96 -15.70 -21.85
C TYR A 285 20.36 -15.81 -21.24
N GLY A 286 20.46 -16.05 -19.94
CA GLY A 286 21.74 -15.89 -19.26
C GLY A 286 21.64 -16.36 -17.83
N SER A 287 22.75 -16.17 -17.12
CA SER A 287 22.83 -16.59 -15.73
C SER A 287 22.15 -15.56 -14.85
N ALA A 288 21.37 -16.05 -13.90
CA ALA A 288 20.69 -15.20 -12.94
C ALA A 288 19.97 -16.10 -11.94
N PRO A 289 19.64 -15.58 -10.76
CA PRO A 289 18.72 -16.30 -9.86
C PRO A 289 17.31 -16.16 -10.38
N LEU A 290 16.67 -17.30 -10.65
CA LEU A 290 15.28 -17.30 -11.07
C LEU A 290 14.40 -17.15 -9.85
N HIS A 291 13.51 -16.17 -9.87
CA HIS A 291 12.64 -15.92 -8.73
C HIS A 291 11.22 -16.39 -8.96
N GLY A 292 10.89 -16.75 -10.18
CA GLY A 292 9.52 -17.08 -10.54
C GLY A 292 9.15 -16.56 -11.90
N PHE A 293 7.86 -16.24 -12.04
CA PHE A 293 7.29 -15.87 -13.33
C PHE A 293 6.47 -14.60 -13.20
N ALA A 294 6.50 -13.82 -14.27
CA ALA A 294 5.58 -12.70 -14.42
C ALA A 294 4.52 -13.07 -15.45
N VAL A 295 3.26 -12.78 -15.11
CA VAL A 295 2.12 -12.93 -15.98
C VAL A 295 1.57 -11.55 -16.28
N TRP A 296 1.31 -11.30 -17.55
CA TRP A 296 0.66 -10.06 -17.98
C TRP A 296 -0.25 -10.36 -19.15
N PHE A 297 -0.86 -9.29 -19.65
CA PHE A 297 -1.83 -9.45 -20.71
C PHE A 297 -1.71 -8.29 -21.69
N GLN A 298 -2.33 -8.49 -22.85
CA GLN A 298 -2.66 -7.39 -23.76
C GLN A 298 -4.11 -7.57 -24.21
N VAL A 299 -4.71 -6.48 -24.65
CA VAL A 299 -6.01 -6.53 -25.30
C VAL A 299 -5.88 -5.81 -26.64
N THR A 300 -6.71 -6.22 -27.58
CA THR A 300 -6.61 -5.74 -28.95
C THR A 300 -7.94 -5.13 -29.37
N PHE A 301 -7.86 -3.91 -29.90
CA PHE A 301 -8.99 -3.26 -30.58
C PHE A 301 -8.89 -3.47 -32.08
N PRO A 302 -10.00 -3.80 -32.75
CA PRO A 302 -9.95 -3.97 -34.19
C PRO A 302 -9.50 -2.68 -34.87
N GLY A 303 -8.84 -2.83 -36.01
CA GLY A 303 -8.28 -1.69 -36.71
C GLY A 303 -9.28 -0.84 -37.47
N GLY A 304 -10.48 -1.35 -37.65
CA GLY A 304 -11.48 -0.61 -38.42
C GLY A 304 -10.97 -0.22 -39.79
N ASP A 305 -11.32 1.00 -40.21
CA ASP A 305 -10.98 1.47 -41.54
C ASP A 305 -9.48 1.45 -41.79
N SER A 306 -8.67 1.68 -40.75
CA SER A 306 -7.24 1.75 -40.91
C SER A 306 -6.63 0.38 -41.17
N GLU A 307 -7.34 -0.69 -40.83
CA GLU A 307 -6.83 -2.06 -40.96
C GLU A 307 -5.57 -2.28 -40.12
N LYS A 308 -5.39 -1.49 -39.05
CA LYS A 308 -4.24 -1.59 -38.16
C LYS A 308 -4.77 -1.71 -36.73
N PRO A 309 -4.80 -2.91 -36.15
CA PRO A 309 -5.34 -3.04 -34.80
C PRO A 309 -4.45 -2.32 -33.80
N LEU A 310 -5.09 -1.90 -32.71
CA LEU A 310 -4.40 -1.20 -31.62
C LEU A 310 -4.31 -2.15 -30.45
N VAL A 311 -3.09 -2.36 -29.97
CA VAL A 311 -2.83 -3.26 -28.84
C VAL A 311 -2.52 -2.44 -27.60
N LEU A 312 -3.24 -2.72 -26.52
CA LEU A 312 -2.94 -2.18 -25.20
C LEU A 312 -2.19 -3.28 -24.43
N SER A 313 -0.93 -3.05 -24.14
CA SER A 313 -0.11 -4.06 -23.48
C SER A 313 0.27 -3.65 -22.07
N THR A 314 0.38 -4.66 -21.19
CA THR A 314 0.86 -4.49 -19.82
C THR A 314 2.20 -5.21 -19.62
N SER A 315 2.92 -5.44 -20.71
CA SER A 315 4.22 -6.10 -20.64
C SER A 315 5.23 -5.25 -19.88
N PRO A 316 6.18 -5.87 -19.18
CA PRO A 316 7.29 -5.09 -18.61
C PRO A 316 8.20 -4.48 -19.66
N LEU A 317 8.09 -4.87 -20.92
CA LEU A 317 8.89 -4.31 -22.00
C LEU A 317 8.24 -3.08 -22.62
N HIS A 318 7.03 -2.72 -22.17
CA HIS A 318 6.27 -1.60 -22.68
C HIS A 318 5.97 -0.64 -21.54
N PRO A 319 5.49 0.57 -21.84
CA PRO A 319 5.27 1.55 -20.77
C PRO A 319 4.37 1.01 -19.66
N ALA A 320 4.72 1.36 -18.43
CA ALA A 320 4.01 0.88 -17.26
C ALA A 320 2.55 1.32 -17.27
N THR A 321 1.70 0.44 -16.77
CA THR A 321 0.28 0.71 -16.59
C THR A 321 -0.04 0.46 -15.13
N HIS A 322 -1.26 0.82 -14.70
CA HIS A 322 -1.69 0.59 -13.33
C HIS A 322 -1.85 -0.90 -13.01
N TRP A 323 -1.92 -1.75 -14.03
CA TRP A 323 -2.00 -3.17 -13.78
C TRP A 323 -0.64 -3.78 -13.46
N LYS A 324 0.46 -3.07 -13.78
CA LYS A 324 1.80 -3.59 -13.50
C LYS A 324 1.87 -5.00 -14.09
N GLN A 325 2.50 -5.94 -13.40
CA GLN A 325 2.45 -7.36 -13.76
C GLN A 325 2.10 -8.17 -12.52
N ALA A 326 1.66 -9.41 -12.76
CA ALA A 326 1.26 -10.34 -11.69
C ALA A 326 2.41 -11.32 -11.50
N LEU A 327 3.07 -11.25 -10.34
CA LEU A 327 4.30 -12.01 -10.09
C LEU A 327 3.97 -13.26 -9.27
N LEU A 328 4.51 -14.39 -9.73
CA LEU A 328 4.36 -15.69 -9.10
C LEU A 328 5.75 -16.10 -8.62
N TYR A 329 6.03 -15.92 -7.35
CA TYR A 329 7.36 -16.24 -6.84
C TYR A 329 7.46 -17.71 -6.44
N LEU A 330 8.58 -18.33 -6.80
CA LEU A 330 8.95 -19.62 -6.27
C LEU A 330 9.32 -19.46 -4.80
N ASN A 331 9.34 -20.58 -4.06
CA ASN A 331 9.57 -20.50 -2.63
C ASN A 331 10.96 -19.96 -2.31
N GLU A 332 11.93 -20.16 -3.18
CA GLU A 332 13.25 -19.55 -3.01
C GLU A 332 13.87 -19.42 -4.39
N PRO A 333 14.92 -18.62 -4.52
CA PRO A 333 15.58 -18.49 -5.83
C PRO A 333 16.18 -19.83 -6.29
N VAL A 334 16.18 -20.02 -7.60
CA VAL A 334 16.77 -21.18 -8.26
C VAL A 334 17.80 -20.67 -9.25
N PRO A 335 19.08 -21.02 -9.11
CA PRO A 335 20.07 -20.58 -10.10
C PRO A 335 19.81 -21.17 -11.47
N VAL A 336 19.93 -20.36 -12.52
CA VAL A 336 19.81 -20.82 -13.89
C VAL A 336 20.92 -20.19 -14.73
N GLU A 337 21.08 -20.71 -15.95
CA GLU A 337 22.13 -20.26 -16.84
C GLU A 337 21.60 -20.09 -18.24
N GLN A 338 22.43 -19.51 -19.11
CA GLN A 338 22.07 -19.40 -20.52
C GLN A 338 21.65 -20.77 -21.04
N ASP A 339 20.50 -20.80 -21.67
CA ASP A 339 19.95 -21.96 -22.37
C ASP A 339 19.34 -22.99 -21.40
N THR A 340 19.18 -22.67 -20.13
CA THR A 340 18.40 -23.52 -19.24
C THR A 340 16.94 -23.48 -19.67
N ASP A 341 16.35 -24.66 -19.88
CA ASP A 341 14.93 -24.74 -20.22
C ASP A 341 14.08 -24.61 -18.97
N ILE A 342 13.00 -23.84 -19.08
CA ILE A 342 11.98 -23.73 -18.03
C ILE A 342 10.64 -23.96 -18.68
N SER A 343 9.85 -24.83 -18.10
CA SER A 343 8.54 -25.15 -18.68
C SER A 343 7.52 -25.24 -17.56
N GLY A 344 6.25 -25.31 -17.93
CA GLY A 344 5.23 -25.42 -16.92
C GLY A 344 3.86 -25.18 -17.51
N GLU A 345 2.92 -24.97 -16.60
CA GLU A 345 1.52 -24.78 -16.96
C GLU A 345 0.94 -23.80 -15.96
N ILE A 346 0.15 -22.87 -16.46
CA ILE A 346 -0.46 -21.84 -15.64
C ILE A 346 -1.97 -21.87 -15.89
N THR A 347 -2.75 -21.91 -14.82
CA THR A 347 -4.21 -21.86 -14.95
C THR A 347 -4.76 -20.75 -14.07
N LEU A 348 -5.55 -19.85 -14.67
CA LEU A 348 -6.23 -18.76 -13.97
C LEU A 348 -7.68 -19.18 -13.72
N LEU A 349 -8.08 -19.14 -12.46
CA LEU A 349 -9.35 -19.66 -11.99
C LEU A 349 -9.95 -18.66 -11.01
N PRO A 350 -11.27 -18.58 -10.92
CA PRO A 350 -11.84 -17.91 -9.75
C PRO A 350 -11.59 -18.71 -8.48
N SER A 351 -11.37 -17.99 -7.38
CA SER A 351 -11.11 -18.65 -6.10
C SER A 351 -12.39 -19.29 -5.57
N PRO A 352 -12.27 -20.44 -4.90
CA PRO A 352 -13.45 -21.01 -4.25
C PRO A 352 -14.09 -20.10 -3.22
N ASP A 353 -13.29 -19.35 -2.46
CA ASP A 353 -13.84 -18.53 -1.37
C ASP A 353 -14.63 -17.35 -1.92
N ASN A 354 -14.08 -16.68 -2.94
CA ASN A 354 -14.60 -15.44 -3.47
C ASN A 354 -14.49 -15.55 -4.99
N PRO A 355 -15.62 -15.63 -5.71
CA PRO A 355 -15.54 -15.78 -7.17
C PRO A 355 -14.85 -14.63 -7.88
N ARG A 356 -14.68 -13.49 -7.23
CA ARG A 356 -13.99 -12.37 -7.86
C ARG A 356 -12.50 -12.28 -7.54
N ARG A 357 -11.96 -13.23 -6.78
CA ARG A 357 -10.55 -13.26 -6.40
C ARG A 357 -9.82 -14.24 -7.31
N LEU A 358 -8.82 -13.74 -8.02
CA LEU A 358 -8.06 -14.60 -8.93
C LEU A 358 -7.20 -15.59 -8.15
N ARG A 359 -7.26 -16.84 -8.58
CA ARG A 359 -6.34 -17.88 -8.20
C ARG A 359 -5.54 -18.30 -9.42
N ILE A 360 -4.26 -18.58 -9.21
CA ILE A 360 -3.41 -19.15 -10.26
C ILE A 360 -2.79 -20.45 -9.77
N LEU A 361 -2.98 -21.53 -10.52
CA LEU A 361 -2.30 -22.78 -10.27
C LEU A 361 -1.10 -22.85 -11.21
N LEU A 362 0.09 -23.01 -10.64
CA LEU A 362 1.33 -23.10 -11.39
C LEU A 362 1.95 -24.49 -11.23
N ARG A 363 2.32 -25.11 -12.33
CA ARG A 363 3.18 -26.28 -12.37
C ARG A 363 4.41 -25.85 -13.16
N TYR A 364 5.61 -26.25 -12.71
CA TYR A 364 6.80 -25.76 -13.36
C TYR A 364 7.95 -26.74 -13.19
N LYS A 365 8.89 -26.69 -14.15
CA LYS A 365 10.10 -27.50 -14.10
C LYS A 365 11.25 -26.63 -14.57
N VAL A 366 12.27 -26.49 -13.72
CA VAL A 366 13.44 -25.71 -14.05
C VAL A 366 14.57 -26.68 -14.37
N GLY A 367 15.04 -26.65 -15.61
CA GLY A 367 16.21 -27.44 -15.97
C GLY A 367 16.04 -28.90 -15.59
N ASP A 368 17.05 -29.44 -14.91
CA ASP A 368 17.03 -30.83 -14.48
C ASP A 368 16.42 -31.04 -13.11
N HIS A 369 15.86 -29.99 -12.50
CA HIS A 369 15.18 -30.13 -11.23
C HIS A 369 13.84 -30.85 -11.38
N GLU A 370 13.34 -31.34 -10.25
CA GLU A 370 12.07 -32.01 -10.15
C GLU A 370 10.93 -31.06 -10.50
N GLU A 371 9.86 -31.62 -11.06
CA GLU A 371 8.65 -30.84 -11.27
C GLU A 371 8.11 -30.38 -9.92
N LYS A 372 7.62 -29.15 -9.88
CA LYS A 372 7.03 -28.58 -8.67
C LYS A 372 5.70 -27.93 -8.98
N THR A 373 4.95 -27.62 -7.93
CA THR A 373 3.69 -26.91 -8.08
C THR A 373 3.58 -25.83 -7.01
N LYS A 374 2.83 -24.78 -7.30
CA LYS A 374 2.52 -23.77 -6.31
C LYS A 374 1.17 -23.18 -6.66
N ASP A 375 0.35 -22.92 -5.64
CA ASP A 375 -1.04 -22.47 -5.80
C ASP A 375 -1.14 -21.09 -5.17
N PHE A 376 -1.47 -20.07 -5.99
CA PHE A 376 -1.43 -18.68 -5.58
C PHE A 376 -2.83 -18.08 -5.58
N ALA A 377 -3.04 -17.05 -4.75
CA ALA A 377 -4.27 -16.27 -4.78
C ALA A 377 -3.95 -14.80 -4.69
N MET A 378 -4.79 -13.97 -5.31
CA MET A 378 -4.47 -12.56 -5.40
C MET A 378 -4.32 -11.93 -4.02
N GLU A 379 -3.26 -11.15 -3.85
CA GLU A 379 -3.05 -10.43 -2.60
C GLU A 379 -4.19 -9.43 -2.39
N ASP A 380 -4.52 -9.21 -1.13
CA ASP A 380 -5.55 -8.21 -0.81
C ASP A 380 -4.89 -6.84 -0.82
N THR B 44 -10.73 -9.54 22.11
CA THR B 44 -10.18 -10.26 23.25
C THR B 44 -8.68 -10.00 23.42
N LYS B 45 -8.22 -9.82 24.65
CA LYS B 45 -6.89 -9.27 24.86
C LYS B 45 -5.80 -10.27 24.48
N SER B 46 -5.96 -11.54 24.85
CA SER B 46 -4.93 -12.52 24.53
C SER B 46 -4.81 -12.73 23.02
N GLU B 47 -5.94 -12.82 22.31
CA GLU B 47 -5.86 -12.98 20.87
C GLU B 47 -5.35 -11.70 20.20
N ARG B 48 -5.72 -10.53 20.75
CA ARG B 48 -5.25 -9.28 20.19
C ARG B 48 -3.75 -9.14 20.36
N ASP B 49 -3.22 -9.49 21.54
CA ASP B 49 -1.78 -9.38 21.77
C ASP B 49 -1.02 -10.34 20.87
N GLN B 50 -1.54 -11.56 20.71
CA GLN B 50 -0.88 -12.52 19.81
C GLN B 50 -0.85 -12.01 18.37
N LEU B 51 -1.96 -11.43 17.90
CA LEU B 51 -1.98 -10.88 16.55
C LEU B 51 -1.00 -9.72 16.42
N TYR B 52 -0.92 -8.86 17.45
CA TYR B 52 0.01 -7.76 17.43
C TYR B 52 1.45 -8.25 17.36
N TYR B 53 1.83 -9.19 18.23
CA TYR B 53 3.20 -9.68 18.18
C TYR B 53 3.47 -10.33 16.83
N GLU B 54 2.50 -11.06 16.28
CA GLU B 54 2.69 -11.72 15.00
C GLU B 54 2.97 -10.73 13.89
N CYS B 55 2.46 -9.50 13.99
CA CYS B 55 2.72 -8.54 12.91
C CYS B 55 4.19 -8.17 12.82
N TYR B 56 5.00 -8.47 13.83
CA TYR B 56 6.44 -8.26 13.79
C TYR B 56 7.21 -9.53 13.44
N SER B 57 6.53 -10.61 13.11
CA SER B 57 7.23 -11.83 12.75
C SER B 57 7.61 -11.85 11.29
N ASP B 58 7.29 -10.82 10.53
CA ASP B 58 7.59 -10.77 9.11
C ASP B 58 8.74 -9.81 8.84
N VAL B 59 9.52 -10.13 7.81
CA VAL B 59 10.78 -9.44 7.56
C VAL B 59 10.59 -7.98 7.15
N SER B 60 9.50 -7.66 6.48
CA SER B 60 9.40 -6.36 5.82
C SER B 60 9.42 -5.21 6.82
N VAL B 61 8.79 -5.39 7.99
CA VAL B 61 8.80 -4.31 8.96
C VAL B 61 10.20 -4.09 9.53
N HIS B 62 10.93 -5.16 9.79
CA HIS B 62 12.29 -5.03 10.30
C HIS B 62 13.21 -4.44 9.26
N GLU B 63 13.02 -4.82 8.00
CA GLU B 63 13.74 -4.19 6.91
C GLU B 63 13.48 -2.70 6.88
N GLU B 64 12.20 -2.31 6.94
CA GLU B 64 11.87 -0.89 6.92
C GLU B 64 12.52 -0.15 8.08
N MET B 65 12.50 -0.74 9.27
CA MET B 65 13.06 -0.04 10.41
C MET B 65 14.57 0.10 10.32
N ILE B 66 15.25 -0.97 9.92
CA ILE B 66 16.70 -0.93 9.86
C ILE B 66 17.18 -0.13 8.63
N ALA B 67 16.41 -0.15 7.53
CA ALA B 67 16.72 0.66 6.35
C ALA B 67 16.49 2.15 6.60
N ASP B 68 15.78 2.50 7.67
CA ASP B 68 15.55 3.89 8.07
C ASP B 68 16.86 4.35 8.71
N GLN B 69 17.71 5.00 7.90
CA GLN B 69 19.03 5.37 8.35
C GLN B 69 18.97 6.45 9.41
N VAL B 70 17.98 7.34 9.33
CA VAL B 70 17.85 8.37 10.35
C VAL B 70 17.58 7.72 11.72
N ARG B 71 16.62 6.81 11.77
CA ARG B 71 16.28 6.15 13.03
C ARG B 71 17.45 5.33 13.52
N THR B 72 18.01 4.52 12.63
CA THR B 72 18.98 3.52 13.10
C THR B 72 20.29 4.20 13.51
N GLU B 73 20.74 5.21 12.77
CA GLU B 73 21.94 5.96 13.17
C GLU B 73 21.71 6.73 14.46
N ALA B 74 20.49 7.26 14.67
CA ALA B 74 20.23 8.01 15.90
C ALA B 74 20.26 7.08 17.13
N TYR B 75 19.61 5.91 17.03
CA TYR B 75 19.70 4.96 18.13
C TYR B 75 21.12 4.48 18.34
N ARG B 76 21.84 4.23 17.24
CA ARG B 76 23.22 3.76 17.37
C ARG B 76 24.06 4.79 18.11
N LEU B 77 24.01 6.05 17.67
CA LEU B 77 24.81 7.08 18.31
C LEU B 77 24.31 7.38 19.72
N GLY B 78 22.99 7.36 19.92
CA GLY B 78 22.48 7.59 21.27
C GLY B 78 22.96 6.56 22.27
N ILE B 79 23.09 5.32 21.82
CA ILE B 79 23.64 4.26 22.66
C ILE B 79 25.16 4.42 22.81
N LEU B 80 25.89 4.50 21.69
CA LEU B 80 27.34 4.56 21.75
C LEU B 80 27.85 5.80 22.46
N LYS B 81 27.14 6.93 22.36
CA LYS B 81 27.57 8.12 23.10
C LYS B 81 27.33 7.99 24.59
N ASN B 82 26.56 6.99 25.02
CA ASN B 82 26.36 6.70 26.43
C ASN B 82 27.27 5.57 26.93
N TRP B 83 28.39 5.38 26.28
CA TRP B 83 29.40 4.38 26.70
C TRP B 83 29.78 4.56 28.19
N ALA B 84 29.80 5.78 28.73
CA ALA B 84 30.32 5.97 30.09
C ALA B 84 29.36 5.36 31.07
N ALA B 85 28.09 5.50 30.77
CA ALA B 85 27.05 5.03 31.66
C ALA B 85 26.72 3.58 31.41
N LEU B 86 27.09 3.03 30.25
CA LEU B 86 26.80 1.65 29.96
C LEU B 86 27.98 0.71 30.17
N ARG B 87 29.21 1.22 30.14
CA ARG B 87 30.39 0.39 30.23
C ARG B 87 30.35 -0.47 31.49
N GLY B 88 30.42 -1.79 31.32
CA GLY B 88 30.41 -2.69 32.46
C GLY B 88 29.08 -2.84 33.15
N LYS B 89 28.00 -2.34 32.56
CA LYS B 89 26.68 -2.35 33.15
C LYS B 89 25.75 -3.29 32.40
N THR B 90 24.57 -3.51 32.99
CA THR B 90 23.59 -4.41 32.39
C THR B 90 22.44 -3.64 31.78
N VAL B 91 21.94 -4.18 30.66
CA VAL B 91 20.92 -3.51 29.86
C VAL B 91 19.78 -4.48 29.59
N LEU B 92 18.55 -3.97 29.62
CA LEU B 92 17.39 -4.65 29.06
C LEU B 92 16.94 -3.94 27.80
N ASP B 93 16.89 -4.66 26.68
CA ASP B 93 16.37 -4.16 25.41
C ASP B 93 14.94 -4.64 25.30
N VAL B 94 13.98 -3.70 25.40
CA VAL B 94 12.57 -4.04 25.42
C VAL B 94 12.06 -4.06 23.98
N GLY B 95 11.69 -5.23 23.50
CA GLY B 95 11.26 -5.42 22.13
C GLY B 95 12.43 -5.45 21.20
N ALA B 96 13.33 -6.42 21.40
CA ALA B 96 14.64 -6.35 20.77
C ALA B 96 14.60 -6.63 19.27
N GLY B 97 13.51 -7.21 18.78
CA GLY B 97 13.38 -7.43 17.35
C GLY B 97 14.46 -8.37 16.83
N THR B 98 15.24 -7.90 15.85
CA THR B 98 16.35 -8.69 15.31
C THR B 98 17.61 -8.63 16.18
N GLY B 99 17.61 -7.82 17.23
CA GLY B 99 18.72 -7.73 18.17
C GLY B 99 19.70 -6.62 17.90
N ILE B 100 19.48 -5.81 16.86
CA ILE B 100 20.50 -4.83 16.46
C ILE B 100 20.84 -3.86 17.60
N LEU B 101 19.83 -3.33 18.33
CA LEU B 101 20.16 -2.38 19.38
C LEU B 101 20.91 -3.01 20.54
N SER B 102 20.65 -4.29 20.83
CA SER B 102 21.40 -5.00 21.87
C SER B 102 22.86 -5.11 21.48
N ILE B 103 23.14 -5.29 20.19
CA ILE B 103 24.53 -5.37 19.74
C ILE B 103 25.21 -4.02 19.91
N PHE B 104 24.51 -2.93 19.61
CA PHE B 104 25.09 -1.61 19.84
C PHE B 104 25.42 -1.42 21.31
N CYS B 105 24.54 -1.87 22.21
CA CYS B 105 24.83 -1.77 23.64
C CYS B 105 26.08 -2.53 24.02
N ALA B 106 26.29 -3.70 23.43
CA ALA B 106 27.53 -4.43 23.68
C ALA B 106 28.74 -3.64 23.17
N GLN B 107 28.60 -3.01 22.00
CA GLN B 107 29.69 -2.21 21.47
C GLN B 107 29.98 -0.99 22.34
N ALA B 108 28.96 -0.46 23.03
CA ALA B 108 29.15 0.63 23.98
C ALA B 108 29.83 0.18 25.27
N GLY B 109 30.01 -1.12 25.47
CA GLY B 109 30.74 -1.65 26.60
C GLY B 109 29.89 -2.36 27.64
N ALA B 110 28.60 -2.59 27.37
CA ALA B 110 27.75 -3.24 28.35
C ALA B 110 28.34 -4.59 28.71
N ARG B 111 28.26 -4.93 29.99
CA ARG B 111 28.74 -6.25 30.37
C ARG B 111 27.72 -7.34 30.03
N ARG B 112 26.43 -6.99 29.97
CA ARG B 112 25.41 -7.99 29.65
C ARG B 112 24.17 -7.28 29.17
N VAL B 113 23.52 -7.89 28.19
CA VAL B 113 22.28 -7.36 27.62
C VAL B 113 21.25 -8.48 27.59
N TYR B 114 20.08 -8.21 28.15
CA TYR B 114 18.92 -9.11 28.05
C TYR B 114 18.01 -8.53 26.98
N ALA B 115 17.83 -9.27 25.90
CA ALA B 115 17.09 -8.81 24.72
C ALA B 115 15.77 -9.56 24.75
N VAL B 116 14.70 -8.85 25.10
CA VAL B 116 13.39 -9.47 25.30
C VAL B 116 12.53 -9.14 24.08
N GLU B 117 11.94 -10.17 23.48
CA GLU B 117 11.16 -10.00 22.26
C GLU B 117 10.03 -11.00 22.22
N ALA B 118 8.81 -10.45 22.03
CA ALA B 118 7.58 -11.24 22.11
C ALA B 118 7.20 -11.90 20.79
N SER B 119 7.63 -11.35 19.67
CA SER B 119 7.33 -11.91 18.36
C SER B 119 8.31 -13.02 18.02
N ALA B 120 7.91 -13.87 17.07
CA ALA B 120 8.74 -14.98 16.67
C ALA B 120 10.09 -14.55 16.10
N ILE B 121 10.24 -13.28 15.72
CA ILE B 121 11.54 -12.76 15.28
C ILE B 121 12.65 -12.96 16.33
N TRP B 122 12.31 -13.28 17.57
CA TRP B 122 13.37 -13.52 18.55
C TRP B 122 14.32 -14.62 18.09
N GLN B 123 13.81 -15.58 17.31
CA GLN B 123 14.68 -16.63 16.80
C GLN B 123 15.75 -16.07 15.89
N GLN B 124 15.40 -15.08 15.08
CA GLN B 124 16.40 -14.43 14.22
C GLN B 124 17.40 -13.64 15.06
N ALA B 125 16.93 -12.95 16.11
CA ALA B 125 17.84 -12.22 16.98
C ALA B 125 18.86 -13.15 17.63
N ARG B 126 18.41 -14.34 18.04
CA ARG B 126 19.36 -15.28 18.63
C ARG B 126 20.45 -15.65 17.62
N GLU B 127 20.09 -15.82 16.34
CA GLU B 127 21.08 -16.13 15.31
C GLU B 127 22.01 -14.95 15.06
N VAL B 128 21.46 -13.73 15.02
CA VAL B 128 22.27 -12.52 14.84
C VAL B 128 23.30 -12.41 15.97
N VAL B 129 22.87 -12.61 17.21
CA VAL B 129 23.79 -12.54 18.35
C VAL B 129 24.91 -13.56 18.17
N ARG B 130 24.57 -14.79 17.80
CA ARG B 130 25.61 -15.80 17.61
C ARG B 130 26.57 -15.43 16.48
N LEU B 131 26.03 -14.94 15.35
CA LEU B 131 26.88 -14.60 14.21
C LEU B 131 27.88 -13.51 14.58
N ASN B 132 27.53 -12.63 15.51
CA ASN B 132 28.39 -11.54 15.95
C ASN B 132 29.26 -11.92 17.13
N GLY B 133 29.22 -13.17 17.55
CA GLY B 133 30.12 -13.65 18.59
C GLY B 133 29.79 -13.14 19.97
N LEU B 134 28.50 -12.87 20.23
CA LEU B 134 28.11 -12.22 21.48
C LEU B 134 27.17 -13.06 22.33
N GLU B 135 27.05 -14.36 22.07
CA GLU B 135 26.16 -15.18 22.89
C GLU B 135 26.57 -15.23 24.35
N ASP B 136 27.83 -14.91 24.66
CA ASP B 136 28.29 -14.89 26.03
C ASP B 136 27.79 -13.69 26.81
N ARG B 137 27.29 -12.65 26.14
CA ARG B 137 26.90 -11.46 26.87
C ARG B 137 25.62 -10.83 26.39
N VAL B 138 25.01 -11.30 25.31
CA VAL B 138 23.68 -10.86 24.91
C VAL B 138 22.77 -12.09 24.90
N HIS B 139 21.74 -12.05 25.73
CA HIS B 139 20.85 -13.20 25.93
C HIS B 139 19.46 -12.84 25.44
N VAL B 140 19.02 -13.51 24.38
CA VAL B 140 17.69 -13.31 23.85
C VAL B 140 16.71 -14.14 24.68
N LEU B 141 15.69 -13.49 25.23
CA LEU B 141 14.68 -14.12 26.06
C LEU B 141 13.33 -13.94 25.39
N PRO B 142 12.65 -14.99 24.94
CA PRO B 142 11.41 -14.77 24.22
C PRO B 142 10.26 -14.45 25.14
N GLY B 143 9.31 -13.70 24.61
CA GLY B 143 8.04 -13.50 25.27
C GLY B 143 7.80 -12.05 25.61
N PRO B 144 6.62 -11.75 26.17
CA PRO B 144 6.32 -10.37 26.54
C PRO B 144 7.19 -9.93 27.71
N VAL B 145 7.61 -8.67 27.68
CA VAL B 145 8.43 -8.15 28.77
C VAL B 145 7.66 -8.12 30.07
N GLU B 146 6.32 -8.06 30.01
CA GLU B 146 5.53 -8.01 31.23
C GLU B 146 5.63 -9.29 32.04
N THR B 147 5.97 -10.43 31.41
CA THR B 147 6.06 -11.70 32.10
C THR B 147 7.41 -12.40 32.02
N VAL B 148 8.37 -11.87 31.27
CA VAL B 148 9.70 -12.48 31.23
C VAL B 148 10.32 -12.50 32.62
N GLU B 149 11.12 -13.52 32.88
CA GLU B 149 11.83 -13.65 34.14
C GLU B 149 13.28 -13.26 33.88
N LEU B 150 13.62 -12.01 34.16
CA LEU B 150 15.01 -11.63 34.00
C LEU B 150 15.81 -12.20 35.16
N PRO B 151 17.11 -12.48 34.95
CA PRO B 151 17.93 -12.95 36.08
C PRO B 151 18.18 -11.91 37.16
N GLU B 152 18.05 -10.62 36.85
CA GLU B 152 18.51 -9.55 37.73
C GLU B 152 17.88 -8.26 37.22
N ARG B 153 17.80 -7.29 38.12
CA ARG B 153 17.48 -5.93 37.69
C ARG B 153 18.66 -5.36 36.90
N VAL B 154 18.39 -4.33 36.11
CA VAL B 154 19.33 -3.82 35.13
C VAL B 154 19.62 -2.35 35.41
N ASP B 155 20.77 -1.90 34.91
CA ASP B 155 21.21 -0.53 35.02
C ASP B 155 20.63 0.38 33.97
N ALA B 156 20.12 -0.16 32.87
CA ALA B 156 19.65 0.62 31.76
C ALA B 156 18.62 -0.17 30.97
N ILE B 157 17.67 0.57 30.41
CA ILE B 157 16.73 0.07 29.43
C ILE B 157 16.92 0.83 28.13
N VAL B 158 16.97 0.10 27.02
CA VAL B 158 16.88 0.67 25.68
C VAL B 158 15.63 0.12 25.03
N SER B 159 14.95 0.95 24.24
CA SER B 159 13.79 0.43 23.54
C SER B 159 13.42 1.37 22.40
N GLU B 160 13.06 0.79 21.27
CA GLU B 160 12.49 1.50 20.12
C GLU B 160 11.02 1.04 20.15
N TRP B 161 10.16 1.85 20.76
CA TRP B 161 8.79 1.51 21.09
C TRP B 161 7.79 2.39 20.37
N MET B 162 8.26 3.37 19.62
CA MET B 162 7.38 4.39 19.07
C MET B 162 6.63 3.90 17.84
N GLY B 163 5.34 4.23 17.80
CA GLY B 163 4.51 3.94 16.66
C GLY B 163 4.19 5.20 15.87
N TYR B 164 3.38 5.02 14.82
CA TYR B 164 2.87 6.18 14.10
C TYR B 164 2.15 7.11 15.08
N GLY B 165 2.31 8.42 14.89
CA GLY B 165 1.76 9.36 15.85
C GLY B 165 2.28 9.18 17.25
N LEU B 166 3.48 8.60 17.38
CA LEU B 166 4.18 8.28 18.62
C LEU B 166 3.56 7.10 19.35
N LEU B 167 2.25 7.16 19.60
CA LEU B 167 1.61 6.25 20.55
C LEU B 167 0.78 5.16 19.92
N HIS B 168 0.63 5.14 18.61
CA HIS B 168 -0.06 4.01 18.00
C HIS B 168 0.75 2.75 18.32
N GLU B 169 0.03 1.65 18.54
CA GLU B 169 0.52 0.37 19.08
C GLU B 169 0.53 0.30 20.60
N SER B 170 0.55 1.46 21.28
CA SER B 170 0.51 1.51 22.74
C SER B 170 1.62 0.68 23.40
N MET B 171 2.80 0.65 22.79
CA MET B 171 3.92 -0.07 23.38
C MET B 171 4.57 0.67 24.55
N LEU B 172 4.37 1.97 24.70
CA LEU B 172 5.04 2.66 25.79
C LEU B 172 4.71 2.03 27.15
N SER B 173 3.45 1.64 27.36
CA SER B 173 3.10 1.04 28.66
C SER B 173 3.98 -0.17 28.98
N SER B 174 4.35 -0.96 27.96
CA SER B 174 5.23 -2.11 28.18
C SER B 174 6.62 -1.68 28.66
N VAL B 175 7.18 -0.63 28.06
CA VAL B 175 8.46 -0.11 28.52
C VAL B 175 8.35 0.40 29.95
N LEU B 176 7.25 1.09 30.27
CA LEU B 176 7.08 1.61 31.62
C LEU B 176 6.89 0.48 32.61
N HIS B 177 6.21 -0.60 32.19
CA HIS B 177 6.08 -1.77 33.05
C HIS B 177 7.45 -2.38 33.33
N ALA B 178 8.26 -2.49 32.29
CA ALA B 178 9.61 -3.03 32.45
C ALA B 178 10.46 -2.11 33.32
N ARG B 179 10.31 -0.81 33.20
CA ARG B 179 11.07 0.11 34.03
C ARG B 179 10.73 -0.11 35.50
N THR B 180 9.44 -0.14 35.81
CA THR B 180 9.03 -0.30 37.21
C THR B 180 9.54 -1.62 37.77
N LYS B 181 9.47 -2.69 36.97
CA LYS B 181 9.76 -4.02 37.46
C LYS B 181 11.26 -4.30 37.49
N TRP B 182 12.03 -3.77 36.52
CA TRP B 182 13.37 -4.25 36.30
C TRP B 182 14.47 -3.19 36.36
N LEU B 183 14.17 -1.90 36.27
CA LEU B 183 15.25 -0.91 36.25
C LEU B 183 15.68 -0.58 37.68
N LYS B 184 16.98 -0.64 37.91
CA LYS B 184 17.52 -0.24 39.19
C LYS B 184 17.25 1.24 39.48
N GLU B 185 17.30 1.60 40.77
CA GLU B 185 17.16 2.99 41.18
C GLU B 185 18.19 3.83 40.47
N GLY B 186 17.74 4.96 39.92
CA GLY B 186 18.64 5.85 39.25
C GLY B 186 19.10 5.37 37.90
N GLY B 187 18.50 4.29 37.38
CA GLY B 187 18.93 3.72 36.12
C GLY B 187 18.58 4.58 34.92
N LEU B 188 19.20 4.23 33.80
CA LEU B 188 19.17 4.99 32.55
C LEU B 188 18.08 4.46 31.61
N LEU B 189 17.38 5.37 30.95
CA LEU B 189 16.38 5.02 29.96
C LEU B 189 16.76 5.65 28.63
N LEU B 190 16.83 4.83 27.58
CA LEU B 190 17.21 5.28 26.24
C LEU B 190 16.13 4.95 25.21
N PRO B 191 15.48 5.95 24.59
CA PRO B 191 15.55 7.38 24.92
C PRO B 191 14.87 7.69 26.25
N ALA B 192 15.12 8.89 26.75
CA ALA B 192 14.63 9.31 28.06
C ALA B 192 13.31 10.06 27.98
N SER B 193 13.01 10.68 26.85
CA SER B 193 11.81 11.51 26.76
C SER B 193 11.33 11.56 25.33
N ALA B 194 10.06 11.94 25.18
CA ALA B 194 9.48 12.18 23.87
C ALA B 194 8.69 13.48 23.90
N GLU B 195 8.65 14.14 22.76
CA GLU B 195 7.93 15.39 22.61
C GLU B 195 7.05 15.30 21.37
N LEU B 196 5.86 15.86 21.49
CA LEU B 196 4.85 15.87 20.44
C LEU B 196 4.69 17.28 19.89
N PHE B 197 4.62 17.35 18.55
CA PHE B 197 4.46 18.59 17.82
C PHE B 197 3.27 18.52 16.87
N VAL B 198 2.70 19.71 16.61
CA VAL B 198 1.62 19.88 15.66
C VAL B 198 1.92 21.11 14.82
N ALA B 199 1.54 21.05 13.55
CA ALA B 199 1.54 22.23 12.70
C ALA B 199 0.37 22.17 11.74
N PRO B 200 -0.23 23.31 11.42
CA PRO B 200 -1.18 23.34 10.29
C PRO B 200 -0.44 23.10 9.00
N ILE B 201 -1.12 22.46 8.05
CA ILE B 201 -0.50 22.04 6.81
C ILE B 201 -1.36 22.38 5.60
N SER B 202 -0.68 22.61 4.48
CA SER B 202 -1.27 22.60 3.14
C SER B 202 -0.54 21.49 2.39
N ASP B 203 -1.17 20.32 2.29
CA ASP B 203 -0.56 19.11 1.74
C ASP B 203 -0.54 19.21 0.21
N GLN B 204 0.64 19.44 -0.34
CA GLN B 204 0.76 19.67 -1.78
C GLN B 204 0.33 18.44 -2.58
N MET B 205 0.58 17.25 -2.06
CA MET B 205 0.14 16.03 -2.73
C MET B 205 -1.38 15.92 -2.75
N LEU B 206 -2.03 16.23 -1.62
CA LEU B 206 -3.49 16.21 -1.63
C LEU B 206 -4.03 17.24 -2.60
N GLU B 207 -3.39 18.42 -2.65
CA GLU B 207 -3.84 19.45 -3.59
C GLU B 207 -3.74 18.95 -5.02
N TRP B 208 -2.66 18.27 -5.35
CA TRP B 208 -2.50 17.71 -6.68
C TRP B 208 -3.60 16.67 -6.96
N ARG B 209 -3.90 15.81 -5.99
CA ARG B 209 -4.92 14.78 -6.20
C ARG B 209 -6.31 15.39 -6.36
N LEU B 210 -6.63 16.44 -5.60
CA LEU B 210 -7.92 17.10 -5.77
C LEU B 210 -7.97 17.83 -7.10
N GLY B 211 -6.88 18.46 -7.52
CA GLY B 211 -6.85 19.16 -8.79
C GLY B 211 -6.74 18.28 -10.01
N PHE B 212 -6.46 16.99 -9.81
CA PHE B 212 -6.36 16.07 -10.94
C PHE B 212 -7.58 16.13 -11.85
N TRP B 213 -8.77 16.20 -11.26
CA TRP B 213 -10.00 16.12 -12.04
C TRP B 213 -10.14 17.30 -12.99
N SER B 214 -9.58 18.46 -12.64
CA SER B 214 -9.61 19.61 -13.55
C SER B 214 -8.56 19.52 -14.64
N GLN B 215 -7.65 18.56 -14.56
CA GLN B 215 -6.63 18.37 -15.58
C GLN B 215 -7.01 17.31 -16.61
N VAL B 216 -8.11 16.58 -16.39
CA VAL B 216 -8.47 15.51 -17.32
C VAL B 216 -8.76 16.08 -18.70
N LYS B 217 -9.37 17.27 -18.77
CA LYS B 217 -9.73 17.79 -20.09
C LYS B 217 -8.49 17.99 -20.94
N GLN B 218 -7.39 18.43 -20.33
CA GLN B 218 -6.16 18.67 -21.08
C GLN B 218 -5.55 17.36 -21.56
N HIS B 219 -5.70 16.28 -20.80
CA HIS B 219 -5.10 15.01 -21.19
C HIS B 219 -5.93 14.27 -22.23
N TYR B 220 -7.26 14.33 -22.12
CA TYR B 220 -8.12 13.46 -22.93
C TYR B 220 -9.31 14.15 -23.59
N GLY B 221 -9.51 15.43 -23.38
CA GLY B 221 -10.62 16.09 -24.04
C GLY B 221 -11.96 15.86 -23.41
N VAL B 222 -12.00 15.39 -22.17
CA VAL B 222 -13.22 15.19 -21.40
C VAL B 222 -13.10 16.02 -20.12
N ASP B 223 -14.08 16.89 -19.88
CA ASP B 223 -14.10 17.70 -18.68
C ASP B 223 -14.62 16.89 -17.51
N MET B 224 -13.80 16.75 -16.47
CA MET B 224 -14.18 16.08 -15.22
C MET B 224 -14.02 16.96 -14.00
N SER B 225 -14.06 18.30 -14.16
CA SER B 225 -13.86 19.20 -13.03
C SER B 225 -14.92 19.04 -11.97
N CYS B 226 -16.13 18.60 -12.35
CA CYS B 226 -17.21 18.40 -11.40
C CYS B 226 -16.92 17.33 -10.36
N MET B 227 -15.89 16.50 -10.57
CA MET B 227 -15.51 15.48 -9.62
C MET B 227 -14.79 16.02 -8.39
N GLU B 228 -14.39 17.29 -8.40
CA GLU B 228 -13.54 17.79 -7.33
C GLU B 228 -14.24 17.74 -5.97
N SER B 229 -15.52 18.12 -5.90
CA SER B 229 -16.20 18.06 -4.61
C SER B 229 -16.29 16.63 -4.09
N PHE B 230 -16.61 15.68 -4.98
CA PHE B 230 -16.64 14.26 -4.63
C PHE B 230 -15.26 13.78 -4.16
N ALA B 231 -14.20 14.18 -4.87
CA ALA B 231 -12.87 13.77 -4.46
C ALA B 231 -12.53 14.32 -3.08
N THR B 232 -12.98 15.54 -2.80
CA THR B 232 -12.68 16.16 -1.51
C THR B 232 -13.38 15.41 -0.39
N ARG B 233 -14.67 15.07 -0.58
CA ARG B 233 -15.36 14.27 0.41
C ARG B 233 -14.66 12.95 0.66
N CYS B 234 -14.22 12.29 -0.41
CA CYS B 234 -13.60 10.99 -0.23
C CYS B 234 -12.26 11.09 0.49
N LEU B 235 -11.44 12.07 0.13
CA LEU B 235 -10.07 12.12 0.61
C LEU B 235 -9.92 12.88 1.93
N MET B 236 -10.86 13.77 2.24
CA MET B 236 -10.80 14.56 3.45
C MET B 236 -11.93 14.28 4.41
N GLY B 237 -13.10 13.82 3.94
CA GLY B 237 -14.27 13.74 4.78
C GLY B 237 -14.34 12.59 5.76
N HIS B 238 -13.42 11.64 5.67
CA HIS B 238 -13.33 10.53 6.59
C HIS B 238 -12.67 10.97 7.90
N SER B 239 -12.63 10.05 8.86
CA SER B 239 -12.10 10.32 10.19
C SER B 239 -10.95 9.39 10.53
N GLU B 240 -10.12 9.08 9.54
CA GLU B 240 -8.95 8.25 9.75
C GLU B 240 -7.72 9.12 9.84
N ILE B 241 -6.77 8.74 10.69
CA ILE B 241 -5.46 9.36 10.71
C ILE B 241 -4.70 8.79 9.52
N VAL B 242 -4.09 9.65 8.71
CA VAL B 242 -3.40 9.26 7.48
C VAL B 242 -1.91 9.40 7.73
N VAL B 243 -1.16 8.30 7.53
CA VAL B 243 0.28 8.36 7.69
C VAL B 243 0.88 8.69 6.33
N GLN B 244 1.52 9.85 6.24
CA GLN B 244 2.06 10.29 4.96
C GLN B 244 3.19 11.26 5.25
N ASP B 245 4.19 11.25 4.37
CA ASP B 245 5.35 12.10 4.54
C ASP B 245 5.13 13.44 3.86
N LEU B 246 5.36 14.49 4.61
CA LEU B 246 5.29 15.87 4.14
C LEU B 246 6.70 16.44 4.01
N SER B 247 6.78 17.60 3.39
CA SER B 247 8.02 18.38 3.36
C SER B 247 7.78 19.71 4.06
N GLY B 248 8.86 20.46 4.25
CA GLY B 248 8.70 21.77 4.86
C GLY B 248 7.79 22.68 4.07
N GLU B 249 7.71 22.45 2.76
CA GLU B 249 6.83 23.25 1.91
C GLU B 249 5.38 23.19 2.39
N ASP B 250 4.98 22.10 3.05
CA ASP B 250 3.61 21.85 3.44
C ASP B 250 3.27 22.48 4.79
N VAL B 251 4.26 22.89 5.55
CA VAL B 251 4.03 23.44 6.87
C VAL B 251 3.59 24.90 6.74
N LEU B 252 2.44 25.23 7.33
CA LEU B 252 1.85 26.56 7.17
C LEU B 252 2.04 27.49 8.34
N ALA B 253 2.63 27.05 9.44
CA ALA B 253 2.95 27.92 10.57
C ALA B 253 4.02 27.24 11.39
N ARG B 254 4.65 28.00 12.29
CA ARG B 254 5.70 27.47 13.15
C ARG B 254 5.17 26.26 13.91
N PRO B 255 5.85 25.13 13.85
CA PRO B 255 5.37 23.98 14.62
C PRO B 255 5.34 24.29 16.10
N GLN B 256 4.37 23.69 16.78
CA GLN B 256 4.17 23.92 18.21
C GLN B 256 4.29 22.62 18.98
N ARG B 257 5.16 22.60 20.00
CA ARG B 257 5.20 21.48 20.92
C ARG B 257 3.95 21.53 21.80
N PHE B 258 3.17 20.44 21.81
CA PHE B 258 1.94 20.42 22.61
C PHE B 258 1.98 19.42 23.76
N ALA B 259 2.98 18.55 23.82
CA ALA B 259 3.14 17.71 24.99
C ALA B 259 4.58 17.25 25.10
N GLN B 260 4.98 16.95 26.34
CA GLN B 260 6.29 16.38 26.63
C GLN B 260 6.09 15.20 27.55
N LEU B 261 6.74 14.08 27.25
CA LEU B 261 6.60 12.85 28.03
C LEU B 261 8.00 12.54 28.57
N GLU B 262 8.20 12.80 29.86
CA GLU B 262 9.42 12.36 30.55
C GLU B 262 9.14 10.94 31.01
N LEU B 263 9.83 9.98 30.42
CA LEU B 263 9.42 8.60 30.58
C LEU B 263 9.58 8.09 32.00
N ALA B 264 10.48 8.70 32.79
CA ALA B 264 10.64 8.34 34.19
C ALA B 264 9.58 8.95 35.10
N ARG B 265 8.77 9.89 34.62
CA ARG B 265 7.90 10.63 35.51
C ARG B 265 6.80 9.75 36.11
N ALA B 266 6.50 9.98 37.38
CA ALA B 266 5.53 9.13 38.06
C ALA B 266 4.14 9.32 37.49
N GLY B 267 3.40 8.22 37.35
CA GLY B 267 2.03 8.27 36.90
C GLY B 267 1.85 8.33 35.40
N LEU B 268 2.94 8.30 34.64
CA LEU B 268 2.81 8.42 33.19
C LEU B 268 1.87 7.37 32.62
N GLU B 269 1.90 6.14 33.18
CA GLU B 269 1.00 5.10 32.69
C GLU B 269 -0.46 5.54 32.68
N GLN B 270 -0.94 6.13 33.79
CA GLN B 270 -2.36 6.45 33.88
C GLN B 270 -2.73 7.63 33.00
N GLU B 271 -1.77 8.54 32.79
CA GLU B 271 -1.97 9.62 31.84
C GLU B 271 -2.19 9.07 30.44
N LEU B 272 -1.42 8.03 30.07
CA LEU B 272 -1.60 7.46 28.75
C LEU B 272 -3.04 7.00 28.56
N GLU B 273 -3.60 6.34 29.58
CA GLU B 273 -4.96 5.83 29.44
C GLU B 273 -5.95 6.98 29.30
N ALA B 274 -5.73 8.06 30.04
CA ALA B 274 -6.67 9.17 30.08
C ALA B 274 -6.48 10.12 28.92
N GLY B 275 -5.33 10.08 28.24
CA GLY B 275 -5.09 10.91 27.07
C GLY B 275 -3.94 11.86 27.35
N VAL B 276 -3.01 11.93 26.41
CA VAL B 276 -1.90 12.87 26.51
C VAL B 276 -2.03 13.87 25.37
N GLY B 277 -1.70 15.11 25.67
CA GLY B 277 -1.81 16.15 24.65
C GLY B 277 -1.81 17.52 25.31
N GLY B 278 -2.38 18.48 24.59
CA GLY B 278 -2.29 19.84 25.03
C GLY B 278 -2.87 20.79 24.02
N ARG B 279 -2.90 22.05 24.42
CA ARG B 279 -3.40 23.11 23.57
C ARG B 279 -2.25 23.69 22.76
N PHE B 280 -2.61 24.35 21.66
CA PHE B 280 -1.63 25.00 20.80
C PHE B 280 -2.24 26.23 20.18
N ARG B 281 -1.37 27.14 19.74
CA ARG B 281 -1.77 28.31 18.97
C ARG B 281 -0.63 28.67 18.03
N CYS B 282 -0.97 29.23 16.87
CA CYS B 282 0.05 29.60 15.88
C CYS B 282 -0.55 30.59 14.91
N SER B 283 0.31 31.16 14.05
CA SER B 283 -0.06 32.17 13.07
C SER B 283 0.49 31.76 11.72
N CYS B 284 -0.33 31.85 10.69
CA CYS B 284 0.04 31.26 9.39
C CYS B 284 1.09 32.11 8.66
N TYR B 285 1.94 31.42 7.89
CA TYR B 285 3.02 32.09 7.17
C TYR B 285 2.49 32.95 6.02
N GLY B 286 1.52 32.44 5.28
CA GLY B 286 1.06 33.09 4.06
C GLY B 286 -0.25 32.47 3.61
N SER B 287 -0.66 32.86 2.41
CA SER B 287 -1.94 32.41 1.87
C SER B 287 -1.80 30.99 1.33
N ALA B 288 -2.77 30.15 1.66
CA ALA B 288 -2.77 28.76 1.23
C ALA B 288 -4.10 28.13 1.64
N PRO B 289 -4.48 27.02 1.00
CA PRO B 289 -5.59 26.20 1.51
C PRO B 289 -5.10 25.36 2.68
N LEU B 290 -5.68 25.59 3.85
CA LEU B 290 -5.40 24.77 5.02
C LEU B 290 -6.14 23.44 4.86
N HIS B 291 -5.41 22.33 4.93
CA HIS B 291 -6.01 21.02 4.81
C HIS B 291 -6.20 20.32 6.13
N GLY B 292 -5.58 20.83 7.20
CA GLY B 292 -5.64 20.20 8.51
C GLY B 292 -4.32 20.37 9.22
N PHE B 293 -3.93 19.33 9.95
CA PHE B 293 -2.76 19.39 10.83
C PHE B 293 -1.91 18.14 10.69
N ALA B 294 -0.62 18.30 10.89
CA ALA B 294 0.30 17.18 11.02
C ALA B 294 0.77 17.09 12.46
N VAL B 295 0.82 15.86 12.97
CA VAL B 295 1.34 15.55 14.29
C VAL B 295 2.58 14.70 14.09
N TRP B 296 3.63 15.06 14.79
CA TRP B 296 4.85 14.26 14.77
C TRP B 296 5.50 14.30 16.14
N PHE B 297 6.64 13.60 16.26
CA PHE B 297 7.31 13.48 17.54
C PHE B 297 8.82 13.55 17.38
N GLN B 298 9.49 13.78 18.49
CA GLN B 298 10.92 13.49 18.60
C GLN B 298 11.13 12.75 19.90
N VAL B 299 12.24 12.01 19.97
CA VAL B 299 12.71 11.42 21.22
C VAL B 299 14.15 11.88 21.48
N THR B 300 14.51 11.97 22.75
CA THR B 300 15.78 12.51 23.15
C THR B 300 16.52 11.48 24.00
N PHE B 301 17.78 11.29 23.69
CA PHE B 301 18.67 10.42 24.44
C PHE B 301 19.51 11.28 25.37
N PRO B 302 19.72 10.84 26.61
CA PRO B 302 20.71 11.51 27.48
C PRO B 302 22.00 11.69 26.70
N GLY B 303 22.65 12.83 26.89
CA GLY B 303 23.67 13.27 25.97
C GLY B 303 25.02 12.59 26.11
N GLY B 304 25.31 12.02 27.27
CA GLY B 304 26.57 11.34 27.48
C GLY B 304 27.77 12.22 27.22
N PRO B 309 22.73 16.55 24.10
CA PRO B 309 21.69 15.51 23.96
C PRO B 309 21.31 15.25 22.49
N LEU B 310 21.22 13.97 22.14
CA LEU B 310 20.93 13.55 20.78
C LEU B 310 19.43 13.37 20.59
N VAL B 311 18.90 14.03 19.57
CA VAL B 311 17.47 14.05 19.29
C VAL B 311 17.22 13.34 17.96
N LEU B 312 16.25 12.42 17.97
CA LEU B 312 15.73 11.76 16.79
C LEU B 312 14.37 12.39 16.51
N SER B 313 14.27 13.09 15.39
CA SER B 313 13.08 13.83 15.02
C SER B 313 12.37 13.16 13.85
N THR B 314 11.03 13.24 13.85
CA THR B 314 10.21 12.83 12.71
C THR B 314 9.51 14.02 12.06
N SER B 315 10.05 15.22 12.26
CA SER B 315 9.46 16.42 11.70
C SER B 315 9.56 16.44 10.17
N PRO B 316 8.58 17.03 9.48
CA PRO B 316 8.73 17.23 8.03
C PRO B 316 9.86 18.17 7.65
N LEU B 317 10.35 18.95 8.60
CA LEU B 317 11.46 19.87 8.39
C LEU B 317 12.81 19.21 8.55
N HIS B 318 12.83 17.93 8.86
CA HIS B 318 14.06 17.17 9.09
C HIS B 318 14.02 15.94 8.20
N PRO B 319 15.13 15.20 8.10
CA PRO B 319 15.15 14.10 7.15
C PRO B 319 14.05 13.08 7.41
N ALA B 320 13.53 12.53 6.32
CA ALA B 320 12.39 11.64 6.41
C ALA B 320 12.76 10.37 7.18
N THR B 321 11.76 9.80 7.86
CA THR B 321 11.86 8.55 8.61
C THR B 321 10.65 7.70 8.22
N HIS B 322 10.70 6.43 8.61
CA HIS B 322 9.60 5.52 8.29
C HIS B 322 8.31 5.86 9.06
N TRP B 323 8.39 6.70 10.09
CA TRP B 323 7.19 7.11 10.80
C TRP B 323 6.41 8.16 10.05
N LYS B 324 7.05 8.85 9.10
CA LYS B 324 6.41 9.91 8.32
C LYS B 324 5.80 10.89 9.31
N GLN B 325 4.59 11.38 9.04
CA GLN B 325 3.83 12.17 9.99
C GLN B 325 2.40 11.63 10.03
N ALA B 326 1.66 12.02 11.07
CA ALA B 326 0.27 11.63 11.25
C ALA B 326 -0.61 12.80 10.87
N LEU B 327 -1.35 12.64 9.78
CA LEU B 327 -2.11 13.76 9.22
C LEU B 327 -3.57 13.69 9.63
N LEU B 328 -4.08 14.84 10.06
CA LEU B 328 -5.45 15.05 10.52
C LEU B 328 -6.13 16.02 9.57
N TYR B 329 -6.86 15.51 8.60
CA TYR B 329 -7.48 16.37 7.60
C TYR B 329 -8.83 16.90 8.06
N LEU B 330 -9.03 18.19 7.83
CA LEU B 330 -10.35 18.80 7.98
C LEU B 330 -11.27 18.23 6.91
N ASN B 331 -12.58 18.43 7.07
CA ASN B 331 -13.50 17.82 6.11
C ASN B 331 -13.37 18.45 4.72
N GLU B 332 -12.92 19.70 4.63
CA GLU B 332 -12.58 20.27 3.34
C GLU B 332 -11.57 21.38 3.58
N PRO B 333 -10.91 21.87 2.53
CA PRO B 333 -9.92 22.93 2.72
C PRO B 333 -10.55 24.22 3.19
N VAL B 334 -9.78 24.98 3.96
CA VAL B 334 -10.16 26.27 4.50
C VAL B 334 -9.11 27.27 4.04
N PRO B 335 -9.49 28.35 3.36
CA PRO B 335 -8.48 29.34 2.96
C PRO B 335 -7.93 30.09 4.17
N VAL B 336 -6.60 30.27 4.18
CA VAL B 336 -5.94 31.04 5.22
C VAL B 336 -5.02 32.03 4.53
N GLU B 337 -4.57 33.02 5.31
CA GLU B 337 -3.70 34.07 4.84
C GLU B 337 -2.60 34.30 5.86
N GLN B 338 -1.63 35.13 5.47
CA GLN B 338 -0.59 35.54 6.39
C GLN B 338 -1.21 36.01 7.70
N ASP B 339 -0.70 35.50 8.82
CA ASP B 339 -1.09 35.89 10.16
C ASP B 339 -2.48 35.42 10.56
N THR B 340 -3.13 34.58 9.77
CA THR B 340 -4.34 33.93 10.27
C THR B 340 -3.99 33.12 11.51
N ASP B 341 -4.73 33.37 12.60
CA ASP B 341 -4.50 32.69 13.86
C ASP B 341 -5.21 31.35 13.87
N ILE B 342 -4.51 30.32 14.32
CA ILE B 342 -5.11 28.99 14.46
C ILE B 342 -4.78 28.51 15.87
N SER B 343 -5.80 28.06 16.60
CA SER B 343 -5.62 27.50 17.93
C SER B 343 -6.36 26.19 18.00
N GLY B 344 -6.03 25.39 19.01
CA GLY B 344 -6.74 24.15 19.19
C GLY B 344 -6.19 23.38 20.37
N GLU B 345 -6.66 22.14 20.45
CA GLU B 345 -6.28 21.18 21.46
C GLU B 345 -6.25 19.80 20.81
N ILE B 346 -5.23 19.01 21.17
CA ILE B 346 -5.03 17.70 20.60
C ILE B 346 -4.85 16.72 21.74
N THR B 347 -5.59 15.62 21.71
CA THR B 347 -5.45 14.58 22.70
C THR B 347 -5.25 13.25 22.00
N LEU B 348 -4.21 12.52 22.41
CA LEU B 348 -3.89 11.18 21.91
C LEU B 348 -4.37 10.18 22.95
N LEU B 349 -5.19 9.22 22.53
CA LEU B 349 -5.87 8.31 23.44
C LEU B 349 -5.87 6.92 22.82
N PRO B 350 -5.99 5.88 23.62
CA PRO B 350 -6.30 4.56 23.05
C PRO B 350 -7.74 4.52 22.55
N SER B 351 -7.96 3.85 21.44
CA SER B 351 -9.31 3.74 20.91
C SER B 351 -10.13 2.82 21.81
N PRO B 352 -11.42 3.10 21.98
CA PRO B 352 -12.21 2.26 22.90
C PRO B 352 -12.28 0.82 22.46
N ASP B 353 -12.34 0.59 21.14
CA ASP B 353 -12.50 -0.73 20.57
C ASP B 353 -11.20 -1.53 20.55
N ASN B 354 -10.05 -0.87 20.64
CA ASN B 354 -8.77 -1.53 20.46
C ASN B 354 -7.71 -0.70 21.17
N PRO B 355 -7.27 -1.12 22.35
CA PRO B 355 -6.32 -0.29 23.13
C PRO B 355 -4.98 -0.02 22.44
N ARG B 356 -4.63 -0.77 21.39
CA ARG B 356 -3.41 -0.49 20.66
C ARG B 356 -3.61 0.40 19.45
N ARG B 357 -4.83 0.83 19.18
CA ARG B 357 -5.11 1.70 18.03
C ARG B 357 -5.22 3.15 18.49
N LEU B 358 -4.38 4.01 17.94
CA LEU B 358 -4.38 5.42 18.33
C LEU B 358 -5.65 6.12 17.89
N ARG B 359 -6.20 6.91 18.81
CA ARG B 359 -7.27 7.86 18.55
C ARG B 359 -6.73 9.25 18.83
N ILE B 360 -7.13 10.21 17.99
CA ILE B 360 -6.79 11.62 18.23
C ILE B 360 -8.06 12.43 18.23
N LEU B 361 -8.30 13.16 19.31
CA LEU B 361 -9.38 14.13 19.41
C LEU B 361 -8.79 15.49 19.09
N LEU B 362 -9.35 16.16 18.08
CA LEU B 362 -8.90 17.47 17.64
C LEU B 362 -10.01 18.49 17.90
N ARG B 363 -9.67 19.56 18.61
CA ARG B 363 -10.46 20.78 18.65
C ARG B 363 -9.64 21.87 17.97
N TYR B 364 -10.27 22.70 17.14
CA TYR B 364 -9.50 23.71 16.42
C TYR B 364 -10.38 24.90 16.09
N LYS B 365 -9.75 26.08 15.94
CA LYS B 365 -10.44 27.29 15.54
C LYS B 365 -9.52 28.00 14.58
N VAL B 366 -10.02 28.21 13.35
CA VAL B 366 -9.27 28.91 12.30
C VAL B 366 -9.76 30.35 12.23
N GLY B 367 -8.90 31.29 12.60
CA GLY B 367 -9.29 32.69 12.48
C GLY B 367 -10.56 32.95 13.26
N ASP B 368 -11.50 33.61 12.60
CA ASP B 368 -12.76 33.96 13.20
C ASP B 368 -13.85 32.95 12.94
N HIS B 369 -13.51 31.84 12.29
CA HIS B 369 -14.48 30.76 12.12
C HIS B 369 -14.81 30.18 13.48
N GLU B 370 -15.95 29.49 13.55
CA GLU B 370 -16.34 28.87 14.81
C GLU B 370 -15.44 27.68 15.13
N GLU B 371 -15.27 27.44 16.43
CA GLU B 371 -14.50 26.29 16.88
C GLU B 371 -15.18 25.01 16.42
N LYS B 372 -14.38 24.04 15.97
CA LYS B 372 -14.87 22.78 15.45
C LYS B 372 -14.09 21.64 16.09
N THR B 373 -14.66 20.43 16.01
CA THR B 373 -13.99 19.24 16.51
C THR B 373 -14.01 18.14 15.45
N LYS B 374 -13.03 17.25 15.51
CA LYS B 374 -13.05 16.07 14.68
C LYS B 374 -12.30 14.98 15.44
N ASP B 375 -12.80 13.75 15.33
CA ASP B 375 -12.37 12.62 16.15
C ASP B 375 -11.84 11.56 15.19
N PHE B 376 -10.54 11.28 15.26
CA PHE B 376 -9.83 10.48 14.27
C PHE B 376 -9.33 9.18 14.90
N ALA B 377 -9.24 8.13 14.10
CA ALA B 377 -8.62 6.88 14.51
C ALA B 377 -7.66 6.40 13.44
N MET B 378 -6.58 5.74 13.87
CA MET B 378 -5.49 5.38 12.97
C MET B 378 -6.02 4.53 11.82
N GLU B 379 -5.61 4.88 10.60
CA GLU B 379 -6.00 4.09 9.45
C GLU B 379 -5.45 2.67 9.62
N ASP B 380 -6.10 1.72 8.97
CA ASP B 380 -5.61 0.34 9.04
C ASP B 380 -4.64 0.06 7.90
N GLY C 2 -0.63 -0.59 12.36
CA GLY C 2 0.66 -0.81 13.00
C GLY C 2 1.80 -0.87 11.98
C LTE C 3 4.22 -2.09 10.73
O LTE C 3 4.41 -2.06 9.55
CA LTE C 3 4.21 -0.77 11.55
CB LTE C 3 5.50 -0.75 12.36
N LTE C 3 3.08 -0.75 12.42
CG LTE C 3 5.80 0.59 13.01
CD LTE C 3 7.26 0.71 13.36
NE LTE C 3 7.57 0.34 14.73
CZ LTE C 3 8.63 0.81 15.38
NH1 LTE C 3 9.45 1.65 14.77
NH2 LTE C 3 8.87 0.45 16.65
C24 LTE C 3 8.19 -0.62 17.36
C28 LTE C 3 8.96 -1.96 17.40
C31 LTE C 3 8.48 -2.82 18.60
C36 LTE C 3 9.18 -4.15 18.81
C38 LTE C 3 8.28 -5.79 20.22
C39 LTE C 3 7.64 -5.97 18.84
C40 LTE C 3 8.72 -5.33 17.95
C49 LTE C 3 6.18 -5.08 21.43
C50 LTE C 3 6.38 -6.06 23.31
C51 LTE C 3 7.46 -6.46 22.53
C53 LTE C 3 8.27 -7.71 24.17
C55 LTE C 3 6.30 -6.58 24.61
N47 LTE C 3 7.33 -5.81 21.33
N48 LTE C 3 5.58 -5.18 22.59
N52 LTE C 3 8.44 -7.30 22.90
N54 LTE C 3 7.29 -7.40 25.02
N57 LTE C 3 5.32 -6.30 25.47
O37 LTE C 3 8.91 -4.52 20.18
O41 LTE C 3 7.40 -7.33 18.54
O42 LTE C 3 9.79 -6.23 17.66
HA LTE C 3 4.17 0.12 10.92
HB3 LTE C 3 6.33 -1.03 11.72
HB2 LTE C 3 5.46 -1.52 13.12
H LTE C 3 3.31 -0.62 13.40
HG2 LTE C 3 5.16 0.70 13.90
HG3 LTE C 3 5.47 1.39 12.34
HD2 LTE C 3 7.85 0.10 12.67
HD3 LTE C 3 7.58 1.75 13.18
HE LTE C 3 6.95 -0.32 15.18
HH11 LTE C 3 10.27 2.06 15.20
HH21 LTE C 3 9.57 0.94 17.19
H30 LTE C 3 7.99 -0.29 18.38
H29 LTE C 3 7.21 -0.78 16.91
H32 LTE C 3 8.83 -2.53 16.48
H33 LTE C 3 10.03 -1.81 17.48
H35 LTE C 3 8.56 -2.27 19.53
H34 LTE C 3 7.42 -3.05 18.51
H61 LTE C 3 10.26 -4.05 18.67
H62 LTE C 3 9.03 -6.54 20.44
H44 LTE C 3 6.70 -5.43 18.71
H43 LTE C 3 8.35 -5.06 16.97
H58 LTE C 3 5.79 -4.44 20.63
H56 LTE C 3 9.03 -8.39 24.55
H59 LTE C 3 5.31 -6.70 26.41
H60 LTE C 3 4.55 -5.70 25.22
H46 LTE C 3 7.33 -7.81 19.40
H45 LTE C 3 10.48 -6.17 18.38
HH12 LTE C 3 9.32 1.97 13.82
N GLY C 4 4.01 -3.22 11.40
CA GLY C 4 3.95 -4.54 10.76
C GLY C 4 2.93 -4.60 9.63
N SER D 1 -3.09 0.63 -6.44
CA SER D 1 -2.80 -0.66 -5.83
C SER D 1 -4.10 -1.44 -5.60
N GLY D 2 -5.18 -0.71 -5.43
CA GLY D 2 -6.38 -1.27 -4.85
C GLY D 2 -7.56 -1.44 -5.80
C LTE D 3 -9.00 -3.31 -7.74
O LTE D 3 -8.27 -4.27 -7.65
CA LTE D 3 -8.40 -1.89 -8.01
CB LTE D 3 -7.92 -1.86 -9.46
N LTE D 3 -7.33 -1.65 -7.10
CG LTE D 3 -9.16 -1.78 -10.36
CD LTE D 3 -8.80 -1.86 -11.83
NE LTE D 3 -9.96 -2.13 -12.68
CZ LTE D 3 -9.97 -1.92 -14.00
NH1 LTE D 3 -8.88 -1.43 -14.55
NH2 LTE D 3 -11.07 -2.19 -14.73
C24 LTE D 3 -12.40 -2.46 -14.17
C28 LTE D 3 -13.42 -1.26 -14.06
C31 LTE D 3 -14.82 -1.87 -13.87
C36 LTE D 3 -15.99 -0.93 -13.68
C38 LTE D 3 -18.11 -1.70 -12.99
C39 LTE D 3 -17.30 -1.41 -11.72
C40 LTE D 3 -16.27 -0.41 -12.25
C49 LTE D 3 -18.27 -4.20 -12.72
C50 LTE D 3 -20.26 -4.61 -13.36
C51 LTE D 3 -20.10 -3.24 -13.43
C53 LTE D 3 -22.15 -2.97 -14.22
C55 LTE D 3 -21.51 -5.14 -13.73
N47 LTE D 3 -18.82 -2.98 -13.02
N48 LTE D 3 -19.08 -5.21 -12.90
N52 LTE D 3 -21.02 -2.36 -13.85
N54 LTE D 3 -22.45 -4.27 -14.18
N57 LTE D 3 -21.82 -6.44 -13.69
O37 LTE D 3 -17.15 -1.73 -14.04
O41 LTE D 3 -18.15 -0.91 -10.69
O42 LTE D 3 -16.71 0.94 -12.30
HA LTE D 3 -9.13 -1.08 -7.90
HB3 LTE D 3 -7.27 -1.00 -9.63
HB2 LTE D 3 -7.32 -2.72 -9.70
H LTE D 3 -6.40 -1.65 -7.52
HG2 LTE D 3 -9.84 -2.58 -10.08
HG3 LTE D 3 -9.70 -0.86 -10.14
HD2 LTE D 3 -8.06 -2.64 -11.99
HD3 LTE D 3 -8.33 -0.94 -12.14
HE LTE D 3 -10.79 -2.49 -12.22
HH11 LTE D 3 -8.78 -1.24 -15.55
HH21 LTE D 3 -11.01 -2.23 -15.74
H30 LTE D 3 -12.24 -2.87 -13.17
H29 LTE D 3 -12.85 -3.25 -14.75
H32 LTE D 3 -13.19 -0.59 -13.23
H33 LTE D 3 -13.40 -0.61 -14.94
H35 LTE D 3 -14.83 -2.55 -13.02
H34 LTE D 3 -15.08 -2.50 -14.72
H61 LTE D 3 -15.91 -0.06 -14.30
H62 LTE D 3 -18.83 -0.93 -13.22
H44 LTE D 3 -16.78 -2.27 -11.31
H43 LTE D 3 -15.41 -0.37 -11.58
H58 LTE D 3 -17.25 -4.33 -12.36
H56 LTE D 3 -22.93 -2.32 -14.61
H59 LTE D 3 -22.73 -6.77 -13.97
H60 LTE D 3 -21.14 -7.13 -13.37
H46 LTE D 3 -19.08 -1.07 -10.98
H45 LTE D 3 -17.45 1.03 -12.95
HH12 LTE D 3 -8.03 -1.19 -14.04
N GLY D 4 -10.32 -3.38 -7.60
CA GLY D 4 -11.02 -4.65 -7.45
C GLY D 4 -10.73 -5.39 -6.16
N LYS D 5 -10.03 -4.73 -5.23
CA LYS D 5 -9.78 -5.32 -3.92
C LYS D 5 -11.05 -5.42 -3.07
N GLY D 6 -12.13 -4.75 -3.48
CA GLY D 6 -13.38 -4.79 -2.76
C GLY D 6 -13.96 -6.19 -2.61
#